data_9LUC
#
_entry.id   9LUC
#
_cell.length_a   1.00
_cell.length_b   1.00
_cell.length_c   1.00
_cell.angle_alpha   90.00
_cell.angle_beta   90.00
_cell.angle_gamma   90.00
#
_symmetry.space_group_name_H-M   'P 1'
#
loop_
_entity.id
_entity.type
_entity.pdbx_description
1 polymer 'Flagellar motor protein MotA'
2 polymer 'Chimeric B subunit of MotA1B1 from Paenibacillus sp. TCA20 and MotAB from E. coli'
#
loop_
_entity_poly.entity_id
_entity_poly.type
_entity_poly.pdbx_seq_one_letter_code
_entity_poly.pdbx_strand_id
1 'polypeptide(L)'
;MDIATLIGLIAGAVAIIGGFLWEGGQITGLFQGTAALIVFGGTIAAVLISYPMHRIRTLPAGIKLAFKPNRSEVNEWLED
IVEMSMVARREGVLALEQKVLDHPNIFLREGIQLVVDGTDQPIVRQIMELDIDAKEQEHDNYAKLFESAGSYAPTMGIIG
TVMGLIQVLGHLTDPSQLGPSIAVAFIATLYGVASANLIFLPIASKIRAKSAEEILVMEMILEGVLSVQNGDNALLVRKK
LNTYIT
;
C,B,E,A,D
2 'polypeptide(L)' GSPHDRWMITYADLITLLLIFFVMMYAMSRLDASKYEEVTSSLQTTFQS F,G
#
# COMPACT_ATOMS: atom_id res chain seq x y z
N ILE A 27 9.32 21.73 -33.18
CA ILE A 27 9.58 21.45 -31.78
C ILE A 27 10.02 22.70 -31.01
N THR A 28 10.46 23.76 -31.70
CA THR A 28 10.67 25.07 -31.07
C THR A 28 9.38 25.66 -30.51
N GLY A 29 8.22 25.11 -30.88
CA GLY A 29 6.94 25.44 -30.27
C GLY A 29 6.49 24.45 -29.19
N LEU A 30 7.21 23.34 -29.01
CA LEU A 30 6.98 22.39 -27.93
C LEU A 30 7.90 22.67 -26.72
N PHE A 31 9.05 23.30 -26.96
CA PHE A 31 9.93 23.77 -25.91
C PHE A 31 9.40 25.06 -25.29
N GLN A 32 9.78 25.28 -24.02
CA GLN A 32 9.38 26.43 -23.24
C GLN A 32 10.47 26.85 -22.25
N GLY A 33 10.45 28.14 -21.90
CA GLY A 33 11.10 28.63 -20.69
C GLY A 33 10.27 28.31 -19.44
N THR A 34 9.11 28.96 -19.31
CA THR A 34 8.47 29.11 -18.01
C THR A 34 7.90 27.79 -17.51
N ALA A 35 7.38 26.97 -18.43
CA ALA A 35 6.81 25.67 -18.06
C ALA A 35 7.91 24.71 -17.59
N ALA A 36 9.12 24.84 -18.14
CA ALA A 36 10.24 24.06 -17.64
C ALA A 36 10.68 24.57 -16.28
N LEU A 37 10.77 25.89 -16.07
CA LEU A 37 11.18 26.43 -14.78
C LEU A 37 10.20 26.05 -13.67
N ILE A 38 8.88 26.11 -13.90
CA ILE A 38 7.92 25.79 -12.85
C ILE A 38 7.99 24.30 -12.50
N VAL A 39 8.09 23.40 -13.48
CA VAL A 39 8.12 21.97 -13.22
C VAL A 39 9.46 21.53 -12.63
N PHE A 40 10.59 21.90 -13.22
CA PHE A 40 11.87 21.39 -12.75
C PHE A 40 12.34 22.14 -11.50
N GLY A 41 12.20 23.44 -11.48
CA GLY A 41 12.52 24.21 -10.29
C GLY A 41 11.61 23.83 -9.12
N GLY A 42 10.33 23.62 -9.39
CA GLY A 42 9.41 23.16 -8.35
C GLY A 42 9.74 21.76 -7.86
N THR A 43 10.14 20.84 -8.75
CA THR A 43 10.55 19.51 -8.34
C THR A 43 11.79 19.56 -7.46
N ILE A 44 12.81 20.32 -7.85
CA ILE A 44 14.03 20.47 -7.07
C ILE A 44 13.70 21.04 -5.69
N ALA A 45 12.82 22.04 -5.62
CA ALA A 45 12.48 22.65 -4.36
C ALA A 45 11.77 21.63 -3.46
N ALA A 46 10.75 20.97 -3.98
CA ALA A 46 10.18 19.82 -3.29
C ALA A 46 11.22 18.68 -2.94
N VAL A 47 12.27 18.10 -3.65
CA VAL A 47 13.23 17.16 -3.04
C VAL A 47 14.18 17.81 -2.01
N LEU A 48 14.65 19.04 -2.24
CA LEU A 48 15.52 19.69 -1.27
C LEU A 48 14.85 19.90 0.09
N ILE A 49 13.58 20.31 0.13
CA ILE A 49 12.88 20.45 1.41
C ILE A 49 12.66 19.07 2.04
N SER A 50 12.48 18.05 1.20
CA SER A 50 11.93 16.76 1.61
C SER A 50 12.96 15.81 2.23
N TYR A 51 14.26 16.13 2.11
CA TYR A 51 15.34 15.28 2.59
C TYR A 51 16.48 16.11 3.20
N PRO A 52 17.25 15.51 4.14
CA PRO A 52 18.46 16.14 4.65
C PRO A 52 19.47 16.39 3.54
N MET A 53 20.37 17.37 3.77
CA MET A 53 21.36 17.74 2.79
C MET A 53 22.32 16.58 2.52
N HIS A 54 22.71 15.86 3.57
CA HIS A 54 23.74 14.83 3.41
C HIS A 54 23.26 13.68 2.50
N ARG A 55 21.93 13.50 2.39
CA ARG A 55 21.35 12.51 1.49
C ARG A 55 21.43 12.99 0.06
N ILE A 56 21.11 14.25 -0.21
CA ILE A 56 21.04 14.78 -1.56
C ILE A 56 22.40 14.71 -2.25
N ARG A 57 23.51 14.81 -1.50
CA ARG A 57 24.83 14.71 -2.08
C ARG A 57 25.16 13.29 -2.54
N THR A 58 24.31 12.29 -2.25
CA THR A 58 24.55 10.91 -2.66
C THR A 58 23.93 10.54 -4.00
N LEU A 59 23.18 11.44 -4.65
CA LEU A 59 22.52 11.11 -5.90
C LEU A 59 23.48 10.61 -6.99
N PRO A 60 24.71 11.15 -7.14
CA PRO A 60 25.69 10.60 -8.06
C PRO A 60 25.97 9.11 -7.85
N ALA A 61 26.06 8.67 -6.59
CA ALA A 61 26.35 7.27 -6.29
C ALA A 61 25.14 6.40 -6.61
N GLY A 62 23.93 6.96 -6.47
CA GLY A 62 22.70 6.29 -6.87
C GLY A 62 22.67 5.97 -8.35
N ILE A 63 23.02 6.96 -9.17
CA ILE A 63 23.06 6.77 -10.61
C ILE A 63 24.21 5.85 -10.99
N LYS A 64 25.35 5.96 -10.30
CA LYS A 64 26.51 5.13 -10.57
C LYS A 64 26.21 3.66 -10.27
N LEU A 65 25.33 3.36 -9.30
CA LEU A 65 24.84 2.00 -9.09
C LEU A 65 23.87 1.60 -10.19
N ALA A 66 22.92 2.47 -10.53
CA ALA A 66 21.88 2.15 -11.51
C ALA A 66 22.46 1.75 -12.85
N PHE A 67 23.51 2.46 -13.30
CA PHE A 67 24.13 2.21 -14.60
C PHE A 67 25.54 1.65 -14.42
N LYS A 68 25.76 0.83 -13.39
CA LYS A 68 27.00 0.06 -13.25
C LYS A 68 27.06 -0.97 -14.36
N PRO A 69 28.06 -0.92 -15.28
CA PRO A 69 28.16 -1.92 -16.35
C PRO A 69 28.42 -3.32 -15.78
N ASN A 70 27.67 -4.31 -16.30
CA ASN A 70 27.65 -5.63 -15.69
C ASN A 70 28.89 -6.40 -16.13
N ARG A 71 29.78 -6.69 -15.17
CA ARG A 71 30.93 -7.58 -15.39
C ARG A 71 31.04 -8.60 -14.25
N SER A 72 29.90 -8.97 -13.67
CA SER A 72 29.84 -9.69 -12.40
C SER A 72 30.41 -11.11 -12.49
N GLU A 73 30.97 -11.55 -11.35
CA GLU A 73 31.85 -12.72 -11.32
C GLU A 73 31.42 -13.68 -10.20
N VAL A 74 30.11 -13.74 -9.91
CA VAL A 74 29.62 -14.68 -8.91
C VAL A 74 30.05 -16.11 -9.25
N ASN A 75 30.11 -16.45 -10.53
CA ASN A 75 30.53 -17.77 -10.98
C ASN A 75 31.99 -18.07 -10.67
N GLU A 76 32.83 -17.05 -10.47
CA GLU A 76 34.22 -17.24 -10.07
C GLU A 76 34.34 -17.47 -8.55
N TRP A 77 33.61 -16.68 -7.76
CA TRP A 77 33.66 -16.78 -6.30
C TRP A 77 33.11 -18.11 -5.81
N LEU A 78 32.14 -18.69 -6.54
CA LEU A 78 31.63 -19.98 -6.13
C LEU A 78 32.72 -21.05 -6.17
N GLU A 79 33.58 -21.04 -7.19
CA GLU A 79 34.68 -21.97 -7.29
C GLU A 79 35.72 -21.76 -6.19
N ASP A 80 35.98 -20.49 -5.85
CA ASP A 80 36.90 -20.15 -4.77
C ASP A 80 36.39 -20.69 -3.45
N ILE A 81 35.10 -20.52 -3.15
CA ILE A 81 34.53 -20.98 -1.89
C ILE A 81 34.57 -22.50 -1.81
N VAL A 82 34.25 -23.18 -2.90
CA VAL A 82 34.25 -24.63 -2.89
C VAL A 82 35.67 -25.15 -2.66
N GLU A 83 36.66 -24.57 -3.36
CA GLU A 83 38.05 -24.92 -3.14
C GLU A 83 38.46 -24.70 -1.68
N MET A 84 38.07 -23.57 -1.11
CA MET A 84 38.44 -23.25 0.27
C MET A 84 37.89 -24.30 1.24
N SER A 85 36.63 -24.72 1.02
CA SER A 85 36.02 -25.70 1.90
C SER A 85 36.87 -26.95 1.94
N MET A 86 37.14 -27.53 0.76
CA MET A 86 37.82 -28.82 0.71
C MET A 86 39.26 -28.68 1.22
N VAL A 87 39.88 -27.48 1.10
CA VAL A 87 41.16 -27.23 1.74
C VAL A 87 41.01 -27.22 3.27
N ALA A 88 39.99 -26.57 3.81
CA ALA A 88 39.76 -26.59 5.25
C ALA A 88 39.54 -28.02 5.79
N ARG A 89 38.75 -28.82 5.07
CA ARG A 89 38.38 -30.17 5.49
C ARG A 89 39.57 -31.14 5.43
N ARG A 90 40.51 -30.91 4.50
CA ARG A 90 41.74 -31.69 4.41
C ARG A 90 42.83 -31.20 5.37
N GLU A 91 43.21 -29.91 5.27
CA GLU A 91 44.47 -29.38 5.79
C GLU A 91 44.34 -28.78 7.19
N GLY A 92 43.10 -28.64 7.68
CA GLY A 92 42.83 -27.93 8.93
C GLY A 92 42.60 -26.44 8.69
N VAL A 93 41.80 -25.81 9.58
CA VAL A 93 41.23 -24.50 9.34
C VAL A 93 42.33 -23.44 9.18
N LEU A 94 43.48 -23.65 9.84
CA LEU A 94 44.52 -22.64 9.88
C LEU A 94 45.14 -22.41 8.49
N ALA A 95 45.02 -23.37 7.57
CA ALA A 95 45.52 -23.20 6.21
C ALA A 95 44.68 -22.21 5.40
N LEU A 96 43.47 -21.89 5.89
CA LEU A 96 42.59 -20.93 5.22
C LEU A 96 43.22 -19.54 5.18
N GLU A 97 43.99 -19.20 6.22
CA GLU A 97 44.54 -17.85 6.34
C GLU A 97 45.32 -17.44 5.09
N GLN A 98 46.09 -18.37 4.53
CA GLN A 98 46.96 -18.03 3.39
C GLN A 98 46.15 -17.60 2.18
N LYS A 99 45.01 -18.27 1.94
CA LYS A 99 44.27 -18.07 0.69
C LYS A 99 43.48 -16.77 0.73
N VAL A 100 42.93 -16.44 1.91
CA VAL A 100 41.96 -15.35 1.99
C VAL A 100 42.66 -14.00 1.76
N LEU A 101 43.96 -13.92 2.09
CA LEU A 101 44.68 -12.65 2.08
C LEU A 101 44.59 -11.92 0.74
N ASP A 102 44.70 -12.70 -0.34
CA ASP A 102 44.78 -12.08 -1.65
C ASP A 102 43.40 -11.88 -2.26
N HIS A 103 42.33 -12.44 -1.67
CA HIS A 103 41.02 -12.41 -2.33
C HIS A 103 40.49 -10.99 -2.42
N PRO A 104 39.93 -10.57 -3.59
CA PRO A 104 39.50 -9.19 -3.77
C PRO A 104 38.20 -8.81 -3.06
N ASN A 105 37.27 -9.76 -2.91
CA ASN A 105 35.99 -9.48 -2.28
C ASN A 105 36.18 -9.26 -0.76
N ILE A 106 36.00 -8.01 -0.31
CA ILE A 106 36.30 -7.62 1.06
C ILE A 106 35.37 -8.34 2.05
N PHE A 107 34.11 -8.57 1.69
CA PHE A 107 33.15 -9.20 2.57
C PHE A 107 33.53 -10.67 2.78
N LEU A 108 33.95 -11.36 1.72
CA LEU A 108 34.41 -12.74 1.83
C LEU A 108 35.67 -12.78 2.72
N ARG A 109 36.61 -11.84 2.52
CA ARG A 109 37.84 -11.87 3.29
C ARG A 109 37.56 -11.83 4.78
N GLU A 110 36.74 -10.86 5.21
CA GLU A 110 36.42 -10.70 6.62
C GLU A 110 35.72 -11.95 7.15
N GLY A 111 34.80 -12.50 6.38
CA GLY A 111 34.08 -13.70 6.79
C GLY A 111 35.03 -14.84 7.17
N ILE A 112 35.99 -15.15 6.31
CA ILE A 112 36.90 -16.24 6.61
C ILE A 112 37.78 -15.89 7.81
N GLN A 113 38.18 -14.62 7.92
CA GLN A 113 39.01 -14.18 9.03
C GLN A 113 38.31 -14.39 10.36
N LEU A 114 36.99 -14.21 10.43
CA LEU A 114 36.21 -14.56 11.62
C LEU A 114 36.35 -16.05 11.93
N VAL A 115 36.18 -16.91 10.90
CA VAL A 115 36.20 -18.35 11.09
C VAL A 115 37.62 -18.87 11.36
N VAL A 116 38.65 -18.23 10.81
CA VAL A 116 40.02 -18.50 11.21
C VAL A 116 40.25 -18.11 12.69
N ASP A 117 39.62 -17.02 13.15
CA ASP A 117 39.65 -16.63 14.56
C ASP A 117 38.86 -17.59 15.45
N GLY A 118 38.11 -18.53 14.85
CA GLY A 118 37.38 -19.55 15.60
C GLY A 118 36.14 -19.03 16.33
N THR A 119 35.58 -17.89 15.86
CA THR A 119 34.40 -17.31 16.49
C THR A 119 33.18 -18.19 16.29
N ASP A 120 32.24 -18.12 17.23
CA ASP A 120 31.11 -19.05 17.30
C ASP A 120 30.12 -18.80 16.15
N GLN A 121 29.49 -19.86 15.65
CA GLN A 121 28.69 -19.79 14.44
C GLN A 121 27.52 -18.80 14.57
N PRO A 122 26.69 -18.78 15.65
CA PRO A 122 25.64 -17.79 15.79
C PRO A 122 26.13 -16.34 15.84
N ILE A 123 27.41 -16.14 16.23
CA ILE A 123 28.02 -14.81 16.23
C ILE A 123 28.56 -14.44 14.84
N VAL A 124 29.14 -15.38 14.08
CA VAL A 124 29.54 -15.11 12.71
C VAL A 124 28.35 -14.71 11.85
N ARG A 125 27.22 -15.42 11.98
CA ARG A 125 26.02 -15.01 11.28
C ARG A 125 25.61 -13.59 11.69
N GLN A 126 25.60 -13.27 12.98
CA GLN A 126 25.17 -11.95 13.44
C GLN A 126 26.06 -10.84 12.84
N ILE A 127 27.37 -10.99 12.88
CA ILE A 127 28.25 -9.91 12.43
C ILE A 127 28.13 -9.72 10.92
N MET A 128 27.98 -10.81 10.16
CA MET A 128 27.89 -10.73 8.70
C MET A 128 26.55 -10.15 8.30
N GLU A 129 25.44 -10.56 8.93
CA GLU A 129 24.13 -10.09 8.53
C GLU A 129 23.96 -8.59 8.78
N LEU A 130 24.64 -7.98 9.77
CA LEU A 130 24.61 -6.54 9.94
C LEU A 130 25.13 -5.77 8.72
N ASP A 131 26.10 -6.35 8.04
CA ASP A 131 26.69 -5.71 6.87
C ASP A 131 25.71 -5.79 5.69
N ILE A 132 25.03 -6.93 5.53
CA ILE A 132 24.03 -7.11 4.48
C ILE A 132 22.87 -6.15 4.75
N ASP A 133 22.39 -6.07 5.99
CA ASP A 133 21.29 -5.16 6.29
C ASP A 133 21.68 -3.71 6.00
N ALA A 134 22.92 -3.33 6.31
CA ALA A 134 23.38 -1.99 6.02
C ALA A 134 23.44 -1.69 4.53
N LYS A 135 23.84 -2.66 3.71
CA LYS A 135 23.88 -2.47 2.26
C LYS A 135 22.48 -2.41 1.67
N GLU A 136 21.54 -3.20 2.17
CA GLU A 136 20.17 -3.13 1.71
C GLU A 136 19.56 -1.76 2.04
N GLN A 137 19.85 -1.22 3.22
CA GLN A 137 19.31 0.07 3.63
C GLN A 137 19.93 1.22 2.83
N GLU A 138 21.21 1.13 2.49
CA GLU A 138 21.83 2.19 1.70
C GLU A 138 21.20 2.28 0.31
N HIS A 139 20.97 1.16 -0.36
CA HIS A 139 20.37 1.18 -1.70
C HIS A 139 18.91 1.61 -1.67
N ASP A 140 18.15 1.26 -0.64
CA ASP A 140 16.79 1.78 -0.49
C ASP A 140 16.82 3.31 -0.37
N ASN A 141 17.76 3.85 0.40
CA ASN A 141 17.85 5.29 0.59
C ASN A 141 18.23 6.01 -0.71
N TYR A 142 18.95 5.34 -1.64
CA TYR A 142 19.27 5.92 -2.94
C TYR A 142 18.01 5.99 -3.81
N ALA A 143 17.26 4.90 -3.83
CA ALA A 143 16.09 4.83 -4.68
C ALA A 143 15.01 5.82 -4.25
N LYS A 144 14.81 6.05 -2.96
CA LYS A 144 13.71 6.88 -2.50
C LYS A 144 13.77 8.32 -2.98
N LEU A 145 14.95 8.86 -3.27
CA LEU A 145 15.01 10.18 -3.87
C LEU A 145 14.35 10.20 -5.24
N PHE A 146 14.59 9.19 -6.07
CA PHE A 146 13.97 9.14 -7.38
C PHE A 146 12.51 8.77 -7.28
N GLU A 147 12.11 7.90 -6.35
CA GLU A 147 10.70 7.61 -6.20
C GLU A 147 9.92 8.84 -5.78
N SER A 148 10.48 9.69 -4.91
CA SER A 148 9.80 10.91 -4.48
C SER A 148 9.90 12.02 -5.53
N ALA A 149 11.02 12.17 -6.23
CA ALA A 149 11.08 13.10 -7.34
C ALA A 149 10.01 12.80 -8.41
N GLY A 150 9.84 11.55 -8.74
CA GLY A 150 8.82 11.16 -9.69
C GLY A 150 7.40 11.21 -9.12
N SER A 151 7.26 11.45 -7.82
CA SER A 151 5.96 11.67 -7.21
C SER A 151 5.58 13.14 -7.21
N TYR A 152 6.57 14.04 -7.07
CA TYR A 152 6.30 15.47 -7.08
C TYR A 152 6.11 15.99 -8.50
N ALA A 153 6.88 15.51 -9.49
CA ALA A 153 6.98 16.24 -10.75
C ALA A 153 5.64 16.34 -11.49
N PRO A 154 4.79 15.31 -11.53
CA PRO A 154 3.45 15.44 -12.09
C PRO A 154 2.64 16.57 -11.46
N THR A 155 2.72 16.75 -10.14
CA THR A 155 1.92 17.79 -9.50
C THR A 155 2.45 19.17 -9.81
N MET A 156 3.77 19.31 -10.00
CA MET A 156 4.28 20.59 -10.45
C MET A 156 3.79 20.89 -11.88
N GLY A 157 3.58 19.85 -12.70
CA GLY A 157 2.87 20.04 -13.96
C GLY A 157 1.48 20.64 -13.79
N ILE A 158 0.69 20.14 -12.84
CA ILE A 158 -0.64 20.69 -12.59
C ILE A 158 -0.51 22.14 -12.16
N ILE A 159 0.45 22.47 -11.28
CA ILE A 159 0.60 23.85 -10.85
C ILE A 159 0.95 24.76 -12.04
N GLY A 160 1.91 24.34 -12.86
CA GLY A 160 2.29 25.13 -14.02
C GLY A 160 1.12 25.31 -15.00
N THR A 161 0.30 24.28 -15.15
CA THR A 161 -0.89 24.36 -15.98
C THR A 161 -1.86 25.39 -15.43
N VAL A 162 -2.18 25.32 -14.14
CA VAL A 162 -3.21 26.16 -13.57
C VAL A 162 -2.79 27.61 -13.54
N MET A 163 -1.50 27.90 -13.34
CA MET A 163 -1.04 29.28 -13.43
C MET A 163 -1.16 29.82 -14.86
N GLY A 164 -1.00 28.96 -15.87
CA GLY A 164 -1.31 29.32 -17.26
C GLY A 164 -2.79 29.70 -17.46
N LEU A 165 -3.68 28.83 -17.01
CA LEU A 165 -5.11 29.01 -17.24
C LEU A 165 -5.63 30.24 -16.52
N ILE A 166 -5.16 30.52 -15.30
CA ILE A 166 -5.62 31.70 -14.58
C ILE A 166 -5.31 32.96 -15.39
N GLN A 167 -4.14 33.00 -16.03
CA GLN A 167 -3.77 34.13 -16.86
C GLN A 167 -4.62 34.20 -18.13
N VAL A 168 -4.71 33.08 -18.88
CA VAL A 168 -5.36 33.04 -20.18
C VAL A 168 -6.85 33.30 -20.10
N LEU A 169 -7.57 32.66 -19.19
CA LEU A 169 -9.02 32.83 -19.13
C LEU A 169 -9.44 34.29 -19.05
N GLY A 170 -8.47 35.19 -18.85
CA GLY A 170 -8.70 36.62 -19.00
C GLY A 170 -8.96 37.06 -20.44
N HIS A 171 -8.43 36.32 -21.42
CA HIS A 171 -8.59 36.64 -22.83
C HIS A 171 -9.72 35.79 -23.43
N LEU A 172 -10.71 35.39 -22.63
CA LEU A 172 -11.78 34.56 -23.14
C LEU A 172 -12.61 35.32 -24.17
N THR A 173 -12.70 36.64 -24.05
CA THR A 173 -13.50 37.46 -24.95
C THR A 173 -13.18 37.15 -26.42
N ASP A 174 -11.88 37.04 -26.75
CA ASP A 174 -11.47 36.85 -28.14
C ASP A 174 -11.08 35.40 -28.36
N PRO A 175 -11.88 34.59 -29.09
CA PRO A 175 -11.51 33.22 -29.41
C PRO A 175 -10.41 33.21 -30.48
N SER A 176 -9.86 34.41 -30.77
CA SER A 176 -8.72 34.56 -31.65
C SER A 176 -7.46 33.89 -31.05
N GLN A 177 -7.24 34.14 -29.75
CA GLN A 177 -6.00 33.72 -29.09
C GLN A 177 -6.29 32.67 -28.03
N LEU A 178 -7.56 32.36 -27.72
CA LEU A 178 -7.84 31.41 -26.65
C LEU A 178 -7.22 30.06 -27.00
N GLY A 179 -7.39 29.64 -28.25
CA GLY A 179 -6.86 28.35 -28.68
C GLY A 179 -5.34 28.28 -28.56
N PRO A 180 -4.59 29.20 -29.21
CA PRO A 180 -3.13 29.18 -29.14
C PRO A 180 -2.64 29.34 -27.71
N SER A 181 -3.31 30.19 -26.92
CA SER A 181 -2.87 30.44 -25.55
C SER A 181 -3.01 29.20 -24.68
N ILE A 182 -4.15 28.51 -24.79
CA ILE A 182 -4.37 27.32 -23.97
C ILE A 182 -3.33 26.26 -24.33
N ALA A 183 -3.08 26.11 -25.64
CA ALA A 183 -2.17 25.09 -26.13
C ALA A 183 -0.82 25.15 -25.41
N VAL A 184 -0.29 26.34 -25.18
CA VAL A 184 1.00 26.47 -24.50
C VAL A 184 0.84 26.24 -23.01
N ALA A 185 -0.34 26.52 -22.44
CA ALA A 185 -0.55 26.35 -21.01
C ALA A 185 -0.47 24.88 -20.58
N PHE A 186 -0.94 23.94 -21.42
CA PHE A 186 -0.87 22.52 -21.08
C PHE A 186 0.53 21.91 -21.14
N ILE A 187 1.54 22.59 -21.68
CA ILE A 187 2.87 22.02 -21.78
C ILE A 187 3.46 21.67 -20.40
N ALA A 188 3.08 22.38 -19.33
CA ALA A 188 3.56 22.00 -18.01
C ALA A 188 3.11 20.59 -17.61
N THR A 189 1.89 20.17 -18.00
CA THR A 189 1.44 18.82 -17.78
C THR A 189 2.34 17.83 -18.52
N LEU A 190 2.69 18.14 -19.77
CA LEU A 190 3.52 17.26 -20.56
C LEU A 190 4.88 17.07 -19.90
N TYR A 191 5.57 18.12 -19.41
CA TYR A 191 6.87 17.92 -18.78
C TYR A 191 6.73 17.14 -17.47
N GLY A 192 5.69 17.43 -16.70
CA GLY A 192 5.49 16.75 -15.44
C GLY A 192 5.25 15.25 -15.59
N VAL A 193 4.52 14.81 -16.62
CA VAL A 193 4.21 13.40 -16.81
C VAL A 193 5.35 12.73 -17.55
N ALA A 194 5.90 13.33 -18.58
CA ALA A 194 6.97 12.70 -19.33
C ALA A 194 8.22 12.46 -18.46
N SER A 195 8.61 13.45 -17.64
CA SER A 195 9.81 13.28 -16.83
C SER A 195 9.60 12.21 -15.77
N ALA A 196 8.41 12.13 -15.19
CA ALA A 196 8.10 11.16 -14.17
C ALA A 196 8.17 9.75 -14.73
N ASN A 197 7.58 9.50 -15.90
CA ASN A 197 7.40 8.14 -16.36
C ASN A 197 8.46 7.69 -17.36
N LEU A 198 9.31 8.59 -17.87
CA LEU A 198 10.43 8.16 -18.70
C LEU A 198 11.79 8.33 -18.01
N ILE A 199 11.90 9.05 -16.89
CA ILE A 199 13.20 9.28 -16.27
C ILE A 199 13.19 8.91 -14.79
N PHE A 200 12.41 9.58 -13.95
CA PHE A 200 12.50 9.39 -12.51
C PHE A 200 12.05 8.00 -12.08
N LEU A 201 10.87 7.53 -12.49
CA LEU A 201 10.41 6.25 -11.96
C LEU A 201 11.18 5.09 -12.60
N PRO A 202 11.53 5.10 -13.89
CA PRO A 202 12.45 4.13 -14.45
C PRO A 202 13.81 4.06 -13.78
N ILE A 203 14.46 5.17 -13.47
CA ILE A 203 15.73 5.11 -12.74
C ILE A 203 15.53 4.47 -11.37
N ALA A 204 14.46 4.82 -10.66
CA ALA A 204 14.21 4.25 -9.36
C ALA A 204 14.07 2.73 -9.50
N SER A 205 13.37 2.23 -10.51
CA SER A 205 13.21 0.80 -10.74
C SER A 205 14.54 0.12 -10.97
N LYS A 206 15.43 0.75 -11.70
CA LYS A 206 16.69 0.11 -12.02
C LYS A 206 17.64 0.03 -10.83
N ILE A 207 17.66 1.06 -9.98
CA ILE A 207 18.40 0.99 -8.73
C ILE A 207 17.93 -0.18 -7.88
N ARG A 208 16.62 -0.37 -7.73
CA ARG A 208 16.11 -1.47 -6.94
C ARG A 208 16.43 -2.82 -7.59
N ALA A 209 16.35 -2.90 -8.91
CA ALA A 209 16.67 -4.14 -9.60
C ALA A 209 18.13 -4.52 -9.46
N LYS A 210 19.05 -3.55 -9.52
CA LYS A 210 20.46 -3.88 -9.40
C LYS A 210 20.91 -3.98 -7.94
N SER A 211 20.12 -3.50 -7.00
CA SER A 211 20.38 -3.73 -5.58
C SER A 211 20.17 -5.19 -5.23
N ALA A 212 19.02 -5.75 -5.64
CA ALA A 212 18.70 -7.13 -5.29
C ALA A 212 19.75 -8.11 -5.84
N GLU A 213 20.28 -7.82 -7.03
CA GLU A 213 21.28 -8.65 -7.65
C GLU A 213 22.66 -8.41 -7.07
N GLU A 214 22.83 -7.57 -6.04
CA GLU A 214 24.07 -7.48 -5.28
C GLU A 214 23.87 -8.05 -3.87
N ILE A 215 22.70 -7.88 -3.28
CA ILE A 215 22.37 -8.51 -2.01
C ILE A 215 22.41 -10.04 -2.16
N LEU A 216 21.93 -10.59 -3.29
CA LEU A 216 21.96 -12.04 -3.53
C LEU A 216 23.39 -12.58 -3.46
N VAL A 217 24.35 -11.86 -4.06
CA VAL A 217 25.71 -12.31 -4.01
C VAL A 217 26.21 -12.34 -2.56
N MET A 218 25.85 -11.36 -1.74
CA MET A 218 26.26 -11.37 -0.35
C MET A 218 25.60 -12.53 0.40
N GLU A 219 24.33 -12.83 0.14
CA GLU A 219 23.70 -13.98 0.79
C GLU A 219 24.37 -15.29 0.38
N MET A 220 24.84 -15.40 -0.85
CA MET A 220 25.58 -16.59 -1.24
C MET A 220 26.88 -16.68 -0.46
N ILE A 221 27.63 -15.57 -0.33
CA ILE A 221 28.88 -15.57 0.42
C ILE A 221 28.62 -15.98 1.87
N LEU A 222 27.51 -15.58 2.46
CA LEU A 222 27.17 -15.99 3.81
C LEU A 222 27.01 -17.51 3.92
N GLU A 223 26.25 -18.18 3.03
CA GLU A 223 26.17 -19.63 3.07
C GLU A 223 27.51 -20.28 2.75
N GLY A 224 28.35 -19.64 1.93
CA GLY A 224 29.72 -20.06 1.70
C GLY A 224 30.55 -20.11 2.99
N VAL A 225 30.59 -19.00 3.72
CA VAL A 225 31.41 -18.87 4.93
C VAL A 225 30.89 -19.83 5.99
N LEU A 226 29.58 -19.91 6.20
CA LEU A 226 29.06 -20.81 7.22
C LEU A 226 29.31 -22.28 6.85
N SER A 227 29.17 -22.66 5.59
CA SER A 227 29.45 -24.03 5.20
C SER A 227 30.94 -24.38 5.34
N VAL A 228 31.86 -23.46 5.10
CA VAL A 228 33.28 -23.68 5.41
C VAL A 228 33.49 -23.93 6.91
N GLN A 229 32.73 -23.26 7.77
CA GLN A 229 32.87 -23.44 9.21
C GLN A 229 32.31 -24.81 9.63
N ASN A 230 31.16 -25.24 9.08
CA ASN A 230 30.57 -26.53 9.41
C ASN A 230 31.35 -27.71 8.83
N GLY A 231 32.17 -27.47 7.80
CA GLY A 231 33.01 -28.52 7.23
C GLY A 231 32.24 -29.50 6.35
N ASP A 232 31.12 -29.06 5.76
CA ASP A 232 30.38 -29.89 4.81
C ASP A 232 31.22 -30.15 3.54
N ASN A 233 30.99 -31.32 2.93
CA ASN A 233 31.79 -31.80 1.81
C ASN A 233 31.43 -31.03 0.53
N ALA A 234 32.36 -31.03 -0.42
CA ALA A 234 32.36 -30.14 -1.58
C ALA A 234 31.08 -30.25 -2.41
N LEU A 235 30.55 -31.48 -2.60
CA LEU A 235 29.35 -31.69 -3.40
C LEU A 235 28.15 -30.98 -2.79
N LEU A 236 28.01 -31.03 -1.46
CA LEU A 236 26.91 -30.38 -0.79
C LEU A 236 27.06 -28.86 -0.83
N VAL A 237 28.30 -28.34 -0.69
CA VAL A 237 28.56 -26.91 -0.80
C VAL A 237 28.16 -26.42 -2.19
N ARG A 238 28.59 -27.12 -3.23
CA ARG A 238 28.27 -26.75 -4.60
C ARG A 238 26.77 -26.86 -4.86
N LYS A 239 26.06 -27.78 -4.18
CA LYS A 239 24.60 -27.89 -4.29
C LYS A 239 23.92 -26.66 -3.68
N LYS A 240 24.29 -26.28 -2.44
CA LYS A 240 23.62 -25.18 -1.74
C LYS A 240 23.84 -23.85 -2.44
N LEU A 241 25.10 -23.52 -2.78
CA LEU A 241 25.44 -22.22 -3.30
C LEU A 241 24.79 -21.99 -4.67
N ASN A 242 24.66 -23.01 -5.51
CA ASN A 242 24.10 -22.82 -6.84
C ASN A 242 22.65 -22.34 -6.79
N THR A 243 21.94 -22.48 -5.67
CA THR A 243 20.56 -22.00 -5.61
C THR A 243 20.49 -20.48 -5.68
N TYR A 244 21.59 -19.78 -5.41
CA TYR A 244 21.66 -18.33 -5.51
C TYR A 244 22.08 -17.85 -6.90
N ILE A 245 22.35 -18.77 -7.85
CA ILE A 245 22.89 -18.43 -9.15
C ILE A 245 21.92 -18.76 -10.28
N THR A 246 21.93 -17.92 -11.32
CA THR A 246 21.18 -18.13 -12.55
C THR A 246 22.10 -17.98 -13.78
N ILE B 27 -12.64 -0.79 -39.61
CA ILE B 27 -11.49 -1.10 -38.77
C ILE B 27 -10.20 -0.52 -39.37
N THR B 28 -10.19 -0.30 -40.69
CA THR B 28 -9.04 0.26 -41.39
C THR B 28 -8.62 1.64 -40.83
N GLY B 29 -9.59 2.33 -40.19
CA GLY B 29 -9.32 3.64 -39.63
C GLY B 29 -8.72 3.61 -38.22
N LEU B 30 -8.45 2.42 -37.65
CA LEU B 30 -7.97 2.33 -36.27
C LEU B 30 -6.45 2.20 -36.20
N PHE B 31 -5.76 2.21 -37.35
CA PHE B 31 -4.30 2.22 -37.36
C PHE B 31 -3.76 3.62 -37.63
N GLN B 32 -2.86 4.10 -36.76
CA GLN B 32 -2.38 5.48 -36.81
C GLN B 32 -0.91 5.53 -36.40
N GLY B 33 0.00 5.74 -37.38
CA GLY B 33 1.43 5.53 -37.20
C GLY B 33 2.03 6.25 -35.99
N THR B 34 1.76 7.55 -35.89
CA THR B 34 2.35 8.39 -34.87
C THR B 34 1.81 8.02 -33.47
N ALA B 35 0.58 7.54 -33.38
CA ALA B 35 0.01 7.14 -32.10
C ALA B 35 0.63 5.83 -31.62
N ALA B 36 0.94 4.90 -32.53
CA ALA B 36 1.64 3.69 -32.18
C ALA B 36 3.07 4.00 -31.74
N LEU B 37 3.77 4.90 -32.44
CA LEU B 37 5.14 5.24 -32.08
C LEU B 37 5.21 5.92 -30.70
N ILE B 38 4.28 6.82 -30.38
CA ILE B 38 4.30 7.46 -29.07
C ILE B 38 4.01 6.44 -27.95
N VAL B 39 2.97 5.60 -28.10
CA VAL B 39 2.53 4.77 -27.00
C VAL B 39 3.44 3.55 -26.83
N PHE B 40 3.72 2.82 -27.90
CA PHE B 40 4.52 1.62 -27.78
C PHE B 40 6.00 1.97 -27.71
N GLY B 41 6.45 2.95 -28.49
CA GLY B 41 7.83 3.40 -28.37
C GLY B 41 8.13 3.94 -26.97
N GLY B 42 7.19 4.70 -26.40
CA GLY B 42 7.33 5.18 -25.05
C GLY B 42 7.37 4.06 -24.01
N THR B 43 6.49 3.06 -24.16
CA THR B 43 6.47 1.92 -23.25
C THR B 43 7.78 1.14 -23.30
N ILE B 44 8.27 0.84 -24.50
CA ILE B 44 9.53 0.14 -24.68
C ILE B 44 10.67 0.92 -24.06
N ALA B 45 10.69 2.24 -24.22
CA ALA B 45 11.76 3.05 -23.66
C ALA B 45 11.73 3.00 -22.14
N ALA B 46 10.54 3.15 -21.55
CA ALA B 46 10.41 3.10 -20.11
C ALA B 46 10.80 1.74 -19.54
N VAL B 47 10.44 0.63 -20.19
CA VAL B 47 10.84 -0.69 -19.70
C VAL B 47 12.34 -0.96 -19.88
N LEU B 48 12.95 -0.57 -21.01
CA LEU B 48 14.37 -0.75 -21.20
C LEU B 48 15.20 0.04 -20.19
N ILE B 49 14.77 1.25 -19.80
CA ILE B 49 15.46 1.98 -18.76
C ILE B 49 15.29 1.27 -17.41
N SER B 50 14.14 0.61 -17.20
CA SER B 50 13.77 0.13 -15.88
C SER B 50 14.47 -1.17 -15.48
N TYR B 51 15.00 -1.97 -16.42
CA TYR B 51 15.49 -3.32 -16.12
C TYR B 51 16.81 -3.62 -16.81
N PRO B 52 17.69 -4.39 -16.17
CA PRO B 52 18.91 -4.85 -16.81
C PRO B 52 18.58 -5.75 -18.01
N MET B 53 19.52 -5.80 -18.96
CA MET B 53 19.26 -6.51 -20.21
C MET B 53 19.07 -8.01 -19.97
N HIS B 54 19.75 -8.58 -18.98
CA HIS B 54 19.62 -10.00 -18.72
C HIS B 54 18.23 -10.39 -18.20
N ARG B 55 17.38 -9.44 -17.77
CA ARG B 55 15.99 -9.72 -17.47
C ARG B 55 15.20 -9.83 -18.75
N ILE B 56 15.35 -8.83 -19.62
CA ILE B 56 14.58 -8.73 -20.85
C ILE B 56 14.84 -9.91 -21.77
N ARG B 57 16.05 -10.45 -21.77
CA ARG B 57 16.37 -11.61 -22.61
C ARG B 57 15.61 -12.86 -22.16
N THR B 58 15.05 -12.88 -20.93
CA THR B 58 14.31 -14.02 -20.43
C THR B 58 12.80 -13.90 -20.63
N LEU B 59 12.33 -12.78 -21.17
CA LEU B 59 10.90 -12.51 -21.27
C LEU B 59 10.13 -13.60 -22.03
N PRO B 60 10.64 -14.23 -23.10
CA PRO B 60 10.02 -15.39 -23.72
C PRO B 60 9.59 -16.48 -22.75
N ALA B 61 10.39 -16.76 -21.71
CA ALA B 61 10.08 -17.81 -20.76
C ALA B 61 8.88 -17.44 -19.90
N GLY B 62 8.66 -16.14 -19.65
CA GLY B 62 7.47 -15.63 -19.00
C GLY B 62 6.18 -16.04 -19.71
N ILE B 63 6.15 -15.82 -21.02
CA ILE B 63 4.98 -16.18 -21.80
C ILE B 63 4.82 -17.70 -21.87
N LYS B 64 5.94 -18.42 -22.01
CA LYS B 64 5.88 -19.87 -22.13
C LYS B 64 5.44 -20.50 -20.81
N LEU B 65 5.67 -19.86 -19.67
CA LEU B 65 5.11 -20.28 -18.39
C LEU B 65 3.62 -19.98 -18.33
N ALA B 66 3.20 -18.79 -18.78
CA ALA B 66 1.81 -18.41 -18.74
C ALA B 66 0.92 -19.37 -19.53
N PHE B 67 1.32 -19.75 -20.75
CA PHE B 67 0.43 -20.45 -21.65
C PHE B 67 0.74 -21.93 -21.89
N LYS B 68 1.44 -22.62 -20.97
CA LYS B 68 1.59 -24.07 -21.10
C LYS B 68 0.39 -24.80 -20.50
N PRO B 69 -0.11 -25.90 -21.10
CA PRO B 69 -1.23 -26.65 -20.55
C PRO B 69 -0.95 -27.25 -19.18
N ASN B 70 -2.02 -27.39 -18.40
CA ASN B 70 -1.96 -28.01 -17.08
C ASN B 70 -1.75 -29.52 -17.21
N ARG B 71 -0.48 -29.95 -17.24
CA ARG B 71 -0.15 -31.37 -17.21
C ARG B 71 -0.10 -31.84 -15.75
N SER B 72 -0.59 -31.01 -14.80
CA SER B 72 -0.36 -31.25 -13.39
C SER B 72 -0.73 -32.69 -13.04
N GLU B 73 0.20 -33.36 -12.38
CA GLU B 73 0.03 -34.76 -12.01
C GLU B 73 0.30 -34.91 -10.51
N VAL B 74 -0.17 -33.95 -9.72
CA VAL B 74 0.13 -33.98 -8.28
C VAL B 74 -0.34 -35.31 -7.69
N ASN B 75 -1.49 -35.81 -8.17
CA ASN B 75 -2.06 -37.04 -7.67
C ASN B 75 -1.12 -38.22 -7.94
N GLU B 76 -0.45 -38.21 -9.10
CA GLU B 76 0.44 -39.30 -9.47
C GLU B 76 1.62 -39.38 -8.51
N TRP B 77 2.17 -38.21 -8.13
CA TRP B 77 3.33 -38.18 -7.24
C TRP B 77 2.93 -38.60 -5.83
N LEU B 78 1.81 -38.06 -5.36
CA LEU B 78 1.26 -38.38 -4.04
C LEU B 78 1.27 -39.88 -3.75
N GLU B 79 0.97 -40.71 -4.76
CA GLU B 79 1.00 -42.15 -4.59
C GLU B 79 2.43 -42.66 -4.47
N ASP B 80 3.38 -42.02 -5.16
CA ASP B 80 4.78 -42.40 -5.07
C ASP B 80 5.34 -42.16 -3.67
N ILE B 81 5.01 -41.00 -3.07
CA ILE B 81 5.48 -40.68 -1.72
C ILE B 81 4.87 -41.65 -0.72
N VAL B 82 3.59 -41.99 -0.87
CA VAL B 82 2.94 -42.93 0.01
C VAL B 82 3.60 -44.31 -0.09
N GLU B 83 3.89 -44.78 -1.31
CA GLU B 83 4.64 -46.00 -1.53
C GLU B 83 6.00 -45.96 -0.80
N MET B 84 6.73 -44.86 -0.91
CA MET B 84 8.04 -44.78 -0.29
C MET B 84 7.94 -44.78 1.23
N SER B 85 6.89 -44.19 1.81
CA SER B 85 6.70 -44.26 3.25
C SER B 85 6.51 -45.71 3.69
N MET B 86 5.63 -46.45 2.99
CA MET B 86 5.36 -47.83 3.32
C MET B 86 6.63 -48.70 3.17
N VAL B 87 7.49 -48.36 2.21
CA VAL B 87 8.80 -48.99 2.04
C VAL B 87 9.71 -48.63 3.21
N ALA B 88 9.78 -47.35 3.58
CA ALA B 88 10.72 -46.86 4.59
C ALA B 88 10.49 -47.49 5.96
N ARG B 89 9.22 -47.74 6.33
CA ARG B 89 8.84 -48.40 7.57
C ARG B 89 9.29 -49.87 7.65
N ARG B 90 9.61 -50.52 6.53
CA ARG B 90 9.67 -51.98 6.42
C ARG B 90 10.97 -52.51 5.79
N GLU B 91 11.39 -51.94 4.66
CA GLU B 91 12.60 -52.31 3.93
C GLU B 91 13.86 -51.59 4.45
N GLY B 92 13.67 -50.56 5.29
CA GLY B 92 14.77 -49.74 5.78
C GLY B 92 15.07 -48.57 4.85
N VAL B 93 15.71 -47.52 5.37
CA VAL B 93 15.92 -46.29 4.61
C VAL B 93 16.79 -46.53 3.39
N LEU B 94 17.67 -47.54 3.43
CA LEU B 94 18.59 -47.78 2.33
C LEU B 94 17.87 -48.29 1.08
N ALA B 95 16.62 -48.74 1.20
CA ALA B 95 15.87 -49.31 0.08
C ALA B 95 15.32 -48.22 -0.82
N LEU B 96 15.20 -46.96 -0.34
CA LEU B 96 14.47 -45.91 -1.04
C LEU B 96 15.17 -45.56 -2.36
N GLU B 97 16.49 -45.64 -2.39
CA GLU B 97 17.28 -45.25 -3.56
C GLU B 97 16.82 -46.00 -4.82
N GLN B 98 16.53 -47.31 -4.70
CA GLN B 98 16.10 -48.12 -5.81
C GLN B 98 14.76 -47.67 -6.40
N LYS B 99 13.92 -47.01 -5.60
CA LYS B 99 12.58 -46.60 -6.02
C LYS B 99 12.64 -45.25 -6.75
N VAL B 100 13.58 -44.37 -6.37
CA VAL B 100 13.70 -43.05 -6.99
C VAL B 100 14.79 -42.99 -8.06
N LEU B 101 15.48 -44.11 -8.30
CA LEU B 101 16.69 -44.21 -9.10
C LEU B 101 16.59 -43.54 -10.47
N ASP B 102 15.40 -43.56 -11.09
CA ASP B 102 15.19 -42.92 -12.40
C ASP B 102 13.86 -42.15 -12.47
N HIS B 103 13.36 -41.68 -11.33
CA HIS B 103 12.08 -41.00 -11.22
C HIS B 103 12.08 -39.69 -12.00
N PRO B 104 10.98 -39.33 -12.71
CA PRO B 104 10.95 -38.14 -13.54
C PRO B 104 10.95 -36.79 -12.83
N ASN B 105 10.63 -36.75 -11.53
CA ASN B 105 10.56 -35.49 -10.80
C ASN B 105 11.88 -35.24 -10.08
N ILE B 106 12.66 -34.24 -10.53
CA ILE B 106 14.02 -34.06 -10.06
C ILE B 106 14.02 -33.59 -8.61
N PHE B 107 13.06 -32.73 -8.25
CA PHE B 107 13.01 -32.20 -6.90
C PHE B 107 12.73 -33.31 -5.89
N LEU B 108 11.86 -34.25 -6.25
CA LEU B 108 11.61 -35.43 -5.41
C LEU B 108 12.88 -36.29 -5.33
N ARG B 109 13.58 -36.49 -6.46
CA ARG B 109 14.77 -37.33 -6.45
C ARG B 109 15.81 -36.79 -5.48
N GLU B 110 16.12 -35.49 -5.60
CA GLU B 110 17.13 -34.88 -4.74
C GLU B 110 16.71 -34.94 -3.28
N GLY B 111 15.44 -34.63 -3.00
CA GLY B 111 14.93 -34.65 -1.65
C GLY B 111 15.08 -36.02 -1.00
N ILE B 112 14.68 -37.08 -1.71
CA ILE B 112 14.79 -38.42 -1.16
C ILE B 112 16.27 -38.76 -0.97
N GLN B 113 17.11 -38.43 -1.95
CA GLN B 113 18.49 -38.84 -1.89
C GLN B 113 19.21 -38.26 -0.66
N LEU B 114 18.91 -37.01 -0.30
CA LEU B 114 19.45 -36.39 0.91
C LEU B 114 19.05 -37.15 2.17
N VAL B 115 17.87 -37.80 2.18
CA VAL B 115 17.43 -38.58 3.33
C VAL B 115 18.08 -39.96 3.36
N VAL B 116 18.28 -40.61 2.21
CA VAL B 116 19.00 -41.88 2.17
C VAL B 116 20.47 -41.67 2.58
N ASP B 117 21.07 -40.54 2.17
CA ASP B 117 22.41 -40.14 2.58
C ASP B 117 22.46 -39.78 4.08
N GLY B 118 21.31 -39.70 4.77
CA GLY B 118 21.26 -39.65 6.23
C GLY B 118 21.43 -38.25 6.80
N THR B 119 21.24 -37.21 5.99
CA THR B 119 21.39 -35.83 6.46
C THR B 119 20.27 -35.47 7.44
N ASP B 120 20.55 -34.57 8.39
CA ASP B 120 19.65 -34.33 9.51
C ASP B 120 18.45 -33.48 9.05
N GLN B 121 17.32 -33.59 9.76
CA GLN B 121 16.07 -32.95 9.38
C GLN B 121 16.20 -31.43 9.21
N PRO B 122 16.77 -30.64 10.14
CA PRO B 122 16.88 -29.20 9.94
C PRO B 122 17.79 -28.81 8.78
N ILE B 123 18.72 -29.70 8.35
CA ILE B 123 19.57 -29.37 7.21
C ILE B 123 18.91 -29.81 5.90
N VAL B 124 18.21 -30.94 5.82
CA VAL B 124 17.48 -31.28 4.59
C VAL B 124 16.34 -30.29 4.35
N ARG B 125 15.65 -29.83 5.39
CA ARG B 125 14.72 -28.72 5.30
C ARG B 125 15.41 -27.48 4.67
N GLN B 126 16.58 -27.08 5.19
CA GLN B 126 17.28 -25.90 4.75
C GLN B 126 17.73 -26.03 3.29
N ILE B 127 18.18 -27.20 2.83
CA ILE B 127 18.63 -27.34 1.46
C ILE B 127 17.43 -27.27 0.51
N MET B 128 16.31 -27.90 0.87
CA MET B 128 15.13 -27.98 0.00
C MET B 128 14.47 -26.62 -0.13
N GLU B 129 14.30 -25.89 0.98
CA GLU B 129 13.60 -24.63 0.96
C GLU B 129 14.30 -23.59 0.07
N LEU B 130 15.62 -23.68 -0.13
CA LEU B 130 16.36 -22.75 -0.96
C LEU B 130 16.00 -22.91 -2.44
N ASP B 131 15.69 -24.13 -2.89
CA ASP B 131 15.24 -24.34 -4.25
C ASP B 131 13.86 -23.74 -4.48
N ILE B 132 12.97 -23.91 -3.50
CA ILE B 132 11.63 -23.35 -3.59
C ILE B 132 11.73 -21.83 -3.61
N ASP B 133 12.53 -21.21 -2.73
CA ASP B 133 12.67 -19.77 -2.72
C ASP B 133 13.23 -19.26 -4.03
N ALA B 134 14.19 -19.98 -4.62
CA ALA B 134 14.75 -19.58 -5.91
C ALA B 134 13.70 -19.61 -7.02
N LYS B 135 12.84 -20.64 -7.04
CA LYS B 135 11.79 -20.77 -8.04
C LYS B 135 10.73 -19.70 -7.85
N GLU B 136 10.38 -19.36 -6.61
CA GLU B 136 9.41 -18.31 -6.36
C GLU B 136 9.95 -16.96 -6.82
N GLN B 137 11.23 -16.68 -6.60
CA GLN B 137 11.82 -15.43 -7.03
C GLN B 137 11.96 -15.37 -8.55
N GLU B 138 12.27 -16.49 -9.19
CA GLU B 138 12.40 -16.52 -10.64
C GLU B 138 11.08 -16.20 -11.34
N HIS B 139 9.95 -16.70 -10.85
CA HIS B 139 8.66 -16.40 -11.43
C HIS B 139 8.24 -14.96 -11.16
N ASP B 140 8.47 -14.42 -9.97
CA ASP B 140 8.14 -13.03 -9.69
C ASP B 140 8.91 -12.10 -10.63
N ASN B 141 10.17 -12.38 -10.91
CA ASN B 141 10.98 -11.58 -11.81
C ASN B 141 10.38 -11.53 -13.24
N TYR B 142 9.61 -12.55 -13.65
CA TYR B 142 8.96 -12.56 -14.94
C TYR B 142 7.74 -11.65 -14.89
N ALA B 143 6.90 -11.83 -13.88
CA ALA B 143 5.66 -11.08 -13.80
C ALA B 143 5.91 -9.58 -13.67
N LYS B 144 6.95 -9.14 -12.96
CA LYS B 144 7.16 -7.72 -12.75
C LYS B 144 7.43 -6.98 -14.07
N LEU B 145 8.12 -7.59 -15.02
CA LEU B 145 8.33 -6.92 -16.30
C LEU B 145 7.00 -6.65 -17.00
N PHE B 146 6.08 -7.61 -16.97
CA PHE B 146 4.77 -7.42 -17.56
C PHE B 146 3.93 -6.41 -16.79
N GLU B 147 3.99 -6.47 -15.46
CA GLU B 147 3.20 -5.55 -14.66
C GLU B 147 3.68 -4.13 -14.89
N SER B 148 5.00 -3.90 -15.03
CA SER B 148 5.56 -2.59 -15.31
C SER B 148 5.14 -2.05 -16.68
N ALA B 149 5.21 -2.86 -17.72
CA ALA B 149 4.70 -2.44 -19.03
C ALA B 149 3.24 -2.01 -18.95
N GLY B 150 2.43 -2.71 -18.15
CA GLY B 150 1.06 -2.30 -17.95
C GLY B 150 0.86 -1.03 -17.13
N SER B 151 1.91 -0.56 -16.46
CA SER B 151 1.85 0.66 -15.68
C SER B 151 2.25 1.86 -16.52
N TYR B 152 3.22 1.68 -17.43
CA TYR B 152 3.71 2.77 -18.24
C TYR B 152 2.79 3.09 -19.41
N ALA B 153 2.18 2.09 -20.05
CA ALA B 153 1.51 2.34 -21.32
C ALA B 153 0.33 3.31 -21.18
N PRO B 154 -0.51 3.21 -20.15
CA PRO B 154 -1.55 4.21 -19.90
C PRO B 154 -1.01 5.63 -19.80
N THR B 155 0.14 5.86 -19.17
CA THR B 155 0.67 7.22 -19.08
C THR B 155 1.23 7.71 -20.41
N MET B 156 1.72 6.80 -21.24
CA MET B 156 2.05 7.18 -22.60
C MET B 156 0.78 7.57 -23.36
N GLY B 157 -0.36 6.98 -23.04
CA GLY B 157 -1.66 7.50 -23.47
C GLY B 157 -1.83 9.00 -23.22
N ILE B 158 -1.62 9.44 -21.98
CA ILE B 158 -1.78 10.85 -21.61
C ILE B 158 -0.78 11.70 -22.40
N ILE B 159 0.47 11.27 -22.51
CA ILE B 159 1.44 12.01 -23.28
C ILE B 159 0.99 12.12 -24.74
N GLY B 160 0.50 11.03 -25.35
CA GLY B 160 0.04 11.07 -26.73
C GLY B 160 -1.14 12.02 -26.92
N THR B 161 -2.08 11.99 -25.97
CA THR B 161 -3.23 12.88 -25.99
C THR B 161 -2.79 14.34 -25.90
N VAL B 162 -1.93 14.67 -24.94
CA VAL B 162 -1.58 16.07 -24.72
C VAL B 162 -0.68 16.56 -25.84
N MET B 163 0.25 15.76 -26.37
CA MET B 163 0.97 16.23 -27.55
C MET B 163 -0.02 16.51 -28.69
N GLY B 164 -1.10 15.73 -28.76
CA GLY B 164 -2.16 15.94 -29.73
C GLY B 164 -2.92 17.23 -29.50
N LEU B 165 -3.38 17.49 -28.28
CA LEU B 165 -4.11 18.71 -27.96
C LEU B 165 -3.25 19.95 -28.23
N ILE B 166 -1.98 19.92 -27.90
CA ILE B 166 -1.09 21.02 -28.18
C ILE B 166 -1.04 21.30 -29.69
N GLN B 167 -1.07 20.25 -30.51
CA GLN B 167 -1.09 20.45 -31.95
C GLN B 167 -2.46 20.98 -32.42
N VAL B 168 -3.58 20.41 -31.93
CA VAL B 168 -4.91 20.81 -32.37
C VAL B 168 -5.18 22.28 -32.04
N LEU B 169 -4.99 22.67 -30.78
CA LEU B 169 -5.27 24.03 -30.36
C LEU B 169 -4.27 25.01 -30.97
N GLY B 170 -3.14 24.52 -31.45
CA GLY B 170 -2.10 25.35 -32.04
C GLY B 170 -2.56 26.01 -33.33
N HIS B 171 -3.33 25.27 -34.14
CA HIS B 171 -3.84 25.80 -35.40
C HIS B 171 -5.35 25.55 -35.48
N LEU B 172 -6.11 26.34 -34.70
CA LEU B 172 -7.55 26.13 -34.57
C LEU B 172 -8.31 26.96 -35.60
N THR B 173 -7.67 27.33 -36.72
CA THR B 173 -8.27 28.20 -37.73
C THR B 173 -9.02 27.37 -38.78
N ASP B 174 -9.62 26.24 -38.37
CA ASP B 174 -10.21 25.29 -39.30
C ASP B 174 -9.26 25.17 -40.51
N PRO B 175 -7.95 25.00 -40.27
CA PRO B 175 -6.98 24.94 -41.36
C PRO B 175 -7.13 23.61 -42.10
N SER B 176 -8.08 22.78 -41.66
CA SER B 176 -8.40 21.51 -42.28
C SER B 176 -7.49 20.41 -41.76
N GLN B 177 -6.48 20.76 -40.95
CA GLN B 177 -5.60 19.76 -40.35
C GLN B 177 -6.08 19.37 -38.95
N LEU B 178 -7.14 20.00 -38.44
CA LEU B 178 -7.59 19.73 -37.09
C LEU B 178 -8.07 18.28 -36.96
N GLY B 179 -8.82 17.83 -37.94
CA GLY B 179 -9.35 16.47 -37.92
C GLY B 179 -8.28 15.39 -37.84
N PRO B 180 -7.22 15.41 -38.68
CA PRO B 180 -6.13 14.45 -38.59
C PRO B 180 -5.51 14.39 -37.21
N SER B 181 -5.29 15.55 -36.58
CA SER B 181 -4.63 15.61 -35.28
C SER B 181 -5.56 15.21 -34.15
N ILE B 182 -6.87 15.47 -34.26
CA ILE B 182 -7.85 14.97 -33.32
C ILE B 182 -7.79 13.45 -33.26
N ALA B 183 -7.62 12.80 -34.42
CA ALA B 183 -7.49 11.35 -34.46
C ALA B 183 -6.35 10.87 -33.57
N VAL B 184 -5.12 11.31 -33.83
CA VAL B 184 -3.97 10.89 -33.04
C VAL B 184 -4.31 11.00 -31.55
N ALA B 185 -4.98 12.08 -31.15
CA ALA B 185 -5.31 12.31 -29.76
C ALA B 185 -6.30 11.26 -29.23
N PHE B 186 -7.17 10.70 -30.09
CA PHE B 186 -8.08 9.64 -29.68
C PHE B 186 -7.36 8.31 -29.71
N ILE B 187 -6.69 7.98 -30.81
CA ILE B 187 -6.16 6.63 -30.96
C ILE B 187 -5.02 6.36 -29.97
N ALA B 188 -4.27 7.36 -29.56
CA ALA B 188 -3.26 7.16 -28.51
C ALA B 188 -3.90 6.77 -27.17
N THR B 189 -5.09 7.27 -26.85
CA THR B 189 -5.82 6.82 -25.68
C THR B 189 -6.18 5.35 -25.84
N LEU B 190 -6.72 5.00 -27.01
CA LEU B 190 -7.25 3.67 -27.21
C LEU B 190 -6.12 2.63 -27.14
N TYR B 191 -4.97 2.86 -27.77
CA TYR B 191 -3.85 1.94 -27.66
C TYR B 191 -3.34 1.81 -26.22
N GLY B 192 -3.21 2.95 -25.55
CA GLY B 192 -2.68 2.94 -24.19
C GLY B 192 -3.52 2.14 -23.19
N VAL B 193 -4.86 2.23 -23.32
CA VAL B 193 -5.74 1.59 -22.37
C VAL B 193 -5.96 0.16 -22.80
N ALA B 194 -6.23 -0.10 -24.07
CA ALA B 194 -6.54 -1.46 -24.49
C ALA B 194 -5.35 -2.39 -24.30
N SER B 195 -4.12 -1.93 -24.64
CA SER B 195 -2.95 -2.76 -24.48
C SER B 195 -2.73 -3.15 -23.01
N ALA B 196 -2.91 -2.21 -22.11
CA ALA B 196 -2.69 -2.44 -20.69
C ALA B 196 -3.71 -3.42 -20.15
N ASN B 197 -4.98 -3.26 -20.49
CA ASN B 197 -6.03 -4.02 -19.83
C ASN B 197 -6.51 -5.20 -20.67
N LEU B 198 -5.85 -5.53 -21.76
CA LEU B 198 -6.22 -6.72 -22.52
C LEU B 198 -5.00 -7.60 -22.85
N ILE B 199 -3.78 -7.08 -22.66
CA ILE B 199 -2.58 -7.80 -23.04
C ILE B 199 -1.61 -7.88 -21.86
N PHE B 200 -0.93 -6.78 -21.52
CA PHE B 200 0.11 -6.85 -20.52
C PHE B 200 -0.42 -7.20 -19.13
N LEU B 201 -1.44 -6.50 -18.62
CA LEU B 201 -1.85 -6.75 -17.24
C LEU B 201 -2.57 -8.09 -17.14
N PRO B 202 -3.40 -8.51 -18.10
CA PRO B 202 -3.93 -9.88 -18.10
C PRO B 202 -2.87 -10.97 -18.10
N ILE B 203 -1.82 -10.85 -18.92
CA ILE B 203 -0.74 -11.83 -18.90
C ILE B 203 -0.12 -11.92 -17.51
N ALA B 204 0.13 -10.78 -16.88
CA ALA B 204 0.75 -10.76 -15.57
C ALA B 204 -0.03 -11.64 -14.60
N SER B 205 -1.36 -11.53 -14.56
CA SER B 205 -2.14 -12.31 -13.61
C SER B 205 -1.94 -13.81 -13.80
N LYS B 206 -1.87 -14.25 -15.07
CA LYS B 206 -1.70 -15.68 -15.30
C LYS B 206 -0.34 -16.18 -14.80
N ILE B 207 0.74 -15.42 -15.02
CA ILE B 207 2.05 -15.83 -14.56
C ILE B 207 2.02 -16.02 -13.03
N ARG B 208 1.46 -15.06 -12.31
CA ARG B 208 1.42 -15.15 -10.87
C ARG B 208 0.51 -16.30 -10.42
N ALA B 209 -0.60 -16.54 -11.12
CA ALA B 209 -1.51 -17.61 -10.71
C ALA B 209 -0.93 -19.00 -11.00
N LYS B 210 -0.07 -19.12 -12.01
CA LYS B 210 0.53 -20.38 -12.36
C LYS B 210 1.84 -20.62 -11.64
N SER B 211 2.53 -19.58 -11.12
CA SER B 211 3.60 -19.83 -10.15
C SER B 211 3.05 -20.49 -8.87
N ALA B 212 1.88 -20.06 -8.42
CA ALA B 212 1.26 -20.61 -7.24
C ALA B 212 0.73 -22.04 -7.43
N GLU B 213 0.71 -22.60 -8.64
CA GLU B 213 0.47 -24.03 -8.79
C GLU B 213 1.77 -24.78 -8.47
N GLU B 214 2.88 -24.32 -9.07
CA GLU B 214 4.14 -25.05 -9.01
C GLU B 214 4.77 -24.96 -7.62
N ILE B 215 4.72 -23.80 -7.00
CA ILE B 215 5.29 -23.63 -5.67
C ILE B 215 4.54 -24.48 -4.65
N LEU B 216 3.22 -24.56 -4.78
CA LEU B 216 2.43 -25.39 -3.89
C LEU B 216 2.80 -26.87 -4.05
N VAL B 217 2.98 -27.33 -5.28
CA VAL B 217 3.39 -28.69 -5.51
C VAL B 217 4.79 -28.93 -4.92
N MET B 218 5.70 -27.97 -5.01
CA MET B 218 6.99 -28.15 -4.39
C MET B 218 6.87 -28.26 -2.87
N GLU B 219 6.05 -27.42 -2.21
CA GLU B 219 5.86 -27.54 -0.77
C GLU B 219 5.26 -28.89 -0.39
N MET B 220 4.37 -29.43 -1.23
CA MET B 220 3.86 -30.77 -0.97
C MET B 220 4.98 -31.81 -1.03
N ILE B 221 5.86 -31.73 -2.02
CA ILE B 221 6.95 -32.69 -2.15
C ILE B 221 7.89 -32.58 -0.96
N LEU B 222 8.14 -31.36 -0.47
CA LEU B 222 8.95 -31.15 0.71
C LEU B 222 8.32 -31.83 1.92
N GLU B 223 7.03 -31.58 2.17
CA GLU B 223 6.34 -32.20 3.28
C GLU B 223 6.32 -33.73 3.17
N GLY B 224 6.28 -34.24 1.93
CA GLY B 224 6.48 -35.65 1.64
C GLY B 224 7.83 -36.16 2.11
N VAL B 225 8.91 -35.52 1.70
CA VAL B 225 10.27 -35.95 2.01
C VAL B 225 10.52 -35.92 3.52
N LEU B 226 10.07 -34.88 4.22
CA LEU B 226 10.26 -34.80 5.65
C LEU B 226 9.46 -35.89 6.36
N SER B 227 8.21 -36.12 5.94
CA SER B 227 7.39 -37.16 6.53
C SER B 227 7.97 -38.58 6.30
N VAL B 228 8.57 -38.84 5.14
CA VAL B 228 9.30 -40.08 4.90
C VAL B 228 10.49 -40.22 5.84
N GLN B 229 11.21 -39.13 6.13
CA GLN B 229 12.35 -39.21 7.04
C GLN B 229 11.90 -39.51 8.48
N ASN B 230 10.81 -38.89 8.94
CA ASN B 230 10.28 -39.15 10.28
C ASN B 230 9.61 -40.53 10.37
N GLY B 231 9.34 -41.16 9.22
CA GLY B 231 8.80 -42.51 9.18
C GLY B 231 7.37 -42.53 9.70
N ASP B 232 6.59 -41.51 9.33
CA ASP B 232 5.16 -41.49 9.61
C ASP B 232 4.46 -42.61 8.84
N ASN B 233 3.37 -43.14 9.41
CA ASN B 233 2.58 -44.19 8.80
C ASN B 233 1.80 -43.62 7.60
N ALA B 234 1.36 -44.52 6.70
CA ALA B 234 0.65 -44.18 5.49
C ALA B 234 -0.57 -43.29 5.71
N LEU B 235 -1.32 -43.48 6.80
CA LEU B 235 -2.52 -42.69 7.06
C LEU B 235 -2.16 -41.24 7.36
N LEU B 236 -1.13 -41.03 8.20
CA LEU B 236 -0.66 -39.70 8.53
C LEU B 236 -0.06 -39.02 7.29
N VAL B 237 0.69 -39.76 6.47
CA VAL B 237 1.27 -39.22 5.25
C VAL B 237 0.15 -38.77 4.32
N ARG B 238 -0.82 -39.64 4.03
CA ARG B 238 -1.88 -39.29 3.08
C ARG B 238 -2.72 -38.12 3.60
N LYS B 239 -2.96 -38.08 4.92
CA LYS B 239 -3.76 -37.02 5.54
C LYS B 239 -3.05 -35.67 5.45
N LYS B 240 -1.72 -35.63 5.70
CA LYS B 240 -0.99 -34.38 5.62
C LYS B 240 -0.92 -33.88 4.18
N LEU B 241 -0.51 -34.74 3.25
CA LEU B 241 -0.25 -34.32 1.87
C LEU B 241 -1.54 -33.87 1.18
N ASN B 242 -2.69 -34.45 1.51
CA ASN B 242 -3.95 -34.05 0.93
C ASN B 242 -4.26 -32.56 1.11
N THR B 243 -3.67 -31.89 2.11
CA THR B 243 -3.95 -30.49 2.35
C THR B 243 -3.49 -29.61 1.19
N TYR B 244 -2.53 -30.09 0.38
CA TYR B 244 -2.00 -29.33 -0.73
C TYR B 244 -2.72 -29.61 -2.06
N ILE B 245 -3.79 -30.42 -2.03
CA ILE B 245 -4.50 -30.87 -3.24
C ILE B 245 -5.96 -30.40 -3.20
N THR B 246 -6.50 -30.09 -4.39
CA THR B 246 -7.93 -29.81 -4.52
C THR B 246 -8.51 -30.29 -5.87
N MET C 1 -19.12 17.41 22.66
CA MET C 1 -18.90 16.05 22.07
C MET C 1 -17.46 15.62 22.40
N ASP C 2 -16.49 15.99 21.55
CA ASP C 2 -15.07 16.00 21.90
C ASP C 2 -14.46 17.32 21.41
N ILE C 3 -13.53 17.93 22.18
CA ILE C 3 -13.14 19.32 21.96
C ILE C 3 -12.52 19.52 20.56
N ALA C 4 -11.67 18.61 20.09
CA ALA C 4 -11.03 18.79 18.78
C ALA C 4 -12.04 18.62 17.64
N THR C 5 -13.04 17.76 17.80
CA THR C 5 -14.10 17.61 16.80
C THR C 5 -14.99 18.84 16.80
N LEU C 6 -15.30 19.39 17.98
CA LEU C 6 -16.14 20.56 18.10
C LEU C 6 -15.48 21.78 17.44
N ILE C 7 -14.19 22.04 17.72
CA ILE C 7 -13.44 23.09 17.06
C ILE C 7 -13.36 22.82 15.55
N GLY C 8 -13.14 21.57 15.15
CA GLY C 8 -13.02 21.19 13.75
C GLY C 8 -14.28 21.47 12.94
N LEU C 9 -15.46 21.07 13.45
CA LEU C 9 -16.72 21.27 12.73
C LEU C 9 -17.09 22.76 12.64
N ILE C 10 -16.80 23.52 13.71
CA ILE C 10 -17.04 24.95 13.73
C ILE C 10 -16.14 25.66 12.70
N ALA C 11 -14.84 25.31 12.68
CA ALA C 11 -13.91 25.83 11.68
C ALA C 11 -14.34 25.43 10.26
N GLY C 12 -14.84 24.19 10.10
CA GLY C 12 -15.29 23.66 8.81
C GLY C 12 -16.45 24.44 8.22
N ALA C 13 -17.46 24.74 9.05
CA ALA C 13 -18.62 25.51 8.66
C ALA C 13 -18.25 26.97 8.34
N VAL C 14 -17.44 27.60 9.19
CA VAL C 14 -17.01 28.98 8.95
C VAL C 14 -16.15 29.09 7.70
N ALA C 15 -15.32 28.09 7.40
CA ALA C 15 -14.51 28.08 6.19
C ALA C 15 -15.36 27.93 4.92
N ILE C 16 -16.08 26.80 4.83
CA ILE C 16 -16.70 26.37 3.58
C ILE C 16 -17.96 27.19 3.32
N ILE C 17 -18.89 27.22 4.29
CA ILE C 17 -20.15 27.91 4.09
C ILE C 17 -19.93 29.40 4.35
N GLY C 18 -19.21 29.75 5.43
CA GLY C 18 -18.99 31.16 5.77
C GLY C 18 -18.21 31.92 4.70
N GLY C 19 -17.30 31.25 3.99
CA GLY C 19 -16.61 31.84 2.84
C GLY C 19 -17.55 32.14 1.66
N PHE C 20 -18.42 31.18 1.34
CA PHE C 20 -19.37 31.28 0.24
C PHE C 20 -20.43 32.37 0.50
N LEU C 21 -20.84 32.52 1.78
CA LEU C 21 -21.81 33.55 2.15
C LEU C 21 -21.21 34.98 2.10
N TRP C 22 -19.90 35.14 2.34
CA TRP C 22 -19.22 36.42 2.18
C TRP C 22 -19.30 36.91 0.74
N GLU C 23 -19.10 36.00 -0.22
CA GLU C 23 -19.19 36.34 -1.65
C GLU C 23 -20.63 36.23 -2.17
N GLY C 24 -21.63 36.15 -1.28
CA GLY C 24 -23.02 36.47 -1.61
C GLY C 24 -23.82 35.27 -2.11
N GLY C 25 -23.39 34.04 -1.79
CA GLY C 25 -24.15 32.86 -2.16
C GLY C 25 -25.45 32.71 -1.34
N GLN C 26 -26.17 31.62 -1.62
CA GLN C 26 -27.34 31.22 -0.83
C GLN C 26 -27.23 29.74 -0.48
N ILE C 27 -27.63 29.38 0.75
CA ILE C 27 -27.50 28.04 1.26
C ILE C 27 -28.40 27.08 0.45
N THR C 28 -29.58 27.55 0.03
CA THR C 28 -30.49 26.71 -0.74
C THR C 28 -29.96 26.43 -2.14
N GLY C 29 -28.95 27.19 -2.59
CA GLY C 29 -28.30 26.97 -3.88
C GLY C 29 -27.40 25.74 -3.94
N LEU C 30 -27.01 25.21 -2.77
CA LEU C 30 -26.13 24.05 -2.67
C LEU C 30 -26.91 22.76 -2.46
N PHE C 31 -28.25 22.79 -2.46
CA PHE C 31 -29.06 21.58 -2.37
C PHE C 31 -29.58 21.18 -3.74
N GLN C 32 -29.35 19.92 -4.13
CA GLN C 32 -30.00 19.34 -5.30
C GLN C 32 -30.38 17.90 -5.02
N GLY C 33 -31.68 17.61 -4.95
CA GLY C 33 -32.20 16.33 -4.53
C GLY C 33 -31.68 15.13 -5.34
N THR C 34 -31.57 15.28 -6.67
CA THR C 34 -31.12 14.20 -7.52
C THR C 34 -29.65 13.88 -7.27
N ALA C 35 -28.84 14.90 -7.01
CA ALA C 35 -27.41 14.73 -6.73
C ALA C 35 -27.21 14.05 -5.38
N ALA C 36 -28.03 14.37 -4.38
CA ALA C 36 -27.98 13.71 -3.09
C ALA C 36 -28.40 12.26 -3.20
N LEU C 37 -29.43 11.96 -3.97
CA LEU C 37 -29.88 10.58 -4.16
C LEU C 37 -28.82 9.76 -4.88
N ILE C 38 -28.14 10.29 -5.91
CA ILE C 38 -27.14 9.53 -6.62
C ILE C 38 -25.91 9.28 -5.73
N VAL C 39 -25.42 10.30 -5.02
CA VAL C 39 -24.17 10.15 -4.28
C VAL C 39 -24.39 9.41 -2.97
N PHE C 40 -25.36 9.82 -2.16
CA PHE C 40 -25.54 9.17 -0.85
C PHE C 40 -26.28 7.84 -1.01
N GLY C 41 -27.27 7.77 -1.89
CA GLY C 41 -27.92 6.49 -2.14
C GLY C 41 -26.94 5.48 -2.74
N GLY C 42 -26.11 5.91 -3.68
CA GLY C 42 -25.11 5.05 -4.26
C GLY C 42 -24.08 4.55 -3.24
N THR C 43 -23.61 5.46 -2.38
CA THR C 43 -22.67 5.10 -1.32
C THR C 43 -23.26 4.09 -0.34
N ILE C 44 -24.48 4.35 0.14
CA ILE C 44 -25.13 3.47 1.09
C ILE C 44 -25.32 2.08 0.47
N ALA C 45 -25.68 2.03 -0.81
CA ALA C 45 -25.88 0.76 -1.47
C ALA C 45 -24.59 -0.06 -1.51
N ALA C 46 -23.49 0.57 -1.94
CA ALA C 46 -22.24 -0.13 -2.06
C ALA C 46 -21.78 -0.64 -0.69
N VAL C 47 -22.05 0.11 0.37
CA VAL C 47 -21.73 -0.34 1.71
C VAL C 47 -22.64 -1.48 2.19
N LEU C 48 -23.96 -1.39 2.02
CA LEU C 48 -24.84 -2.46 2.52
C LEU C 48 -24.55 -3.79 1.83
N ILE C 49 -24.12 -3.78 0.56
CA ILE C 49 -23.72 -4.98 -0.15
C ILE C 49 -22.41 -5.48 0.43
N SER C 50 -21.45 -4.58 0.70
CA SER C 50 -20.06 -5.00 0.88
C SER C 50 -19.80 -5.50 2.31
N TYR C 51 -20.81 -5.45 3.19
CA TYR C 51 -20.69 -5.92 4.58
C TYR C 51 -21.96 -6.60 5.05
N PRO C 52 -21.82 -7.65 5.88
CA PRO C 52 -22.97 -8.29 6.49
C PRO C 52 -23.76 -7.34 7.38
N MET C 53 -25.02 -7.65 7.60
CA MET C 53 -25.89 -6.78 8.36
C MET C 53 -25.46 -6.69 9.81
N HIS C 54 -24.90 -7.74 10.40
CA HIS C 54 -24.46 -7.65 11.79
C HIS C 54 -23.25 -6.72 11.95
N ARG C 55 -22.57 -6.33 10.88
CA ARG C 55 -21.52 -5.32 10.94
C ARG C 55 -22.16 -3.95 10.86
N ILE C 56 -23.12 -3.71 9.95
CA ILE C 56 -23.78 -2.43 9.77
C ILE C 56 -24.45 -1.99 11.07
N ARG C 57 -25.00 -2.93 11.84
CA ARG C 57 -25.69 -2.60 13.07
C ARG C 57 -24.73 -2.21 14.21
N THR C 58 -23.40 -2.24 13.98
CA THR C 58 -22.42 -1.85 14.99
C THR C 58 -21.98 -0.39 14.90
N LEU C 59 -22.43 0.36 13.89
CA LEU C 59 -21.94 1.70 13.64
C LEU C 59 -22.08 2.64 14.85
N PRO C 60 -23.17 2.59 15.66
CA PRO C 60 -23.24 3.38 16.87
C PRO C 60 -22.04 3.24 17.80
N ALA C 61 -21.51 2.01 17.95
CA ALA C 61 -20.38 1.78 18.82
C ALA C 61 -19.10 2.37 18.22
N GLY C 62 -19.00 2.37 16.91
CA GLY C 62 -17.90 3.00 16.18
C GLY C 62 -17.83 4.49 16.43
N ILE C 63 -18.98 5.15 16.33
CA ILE C 63 -19.03 6.58 16.59
C ILE C 63 -18.76 6.88 18.07
N LYS C 64 -19.30 6.04 18.96
CA LYS C 64 -19.14 6.24 20.39
C LYS C 64 -17.67 6.08 20.80
N LEU C 65 -16.91 5.22 20.11
CA LEU C 65 -15.48 5.12 20.32
C LEU C 65 -14.73 6.33 19.76
N ALA C 66 -15.10 6.79 18.57
CA ALA C 66 -14.42 7.91 17.93
C ALA C 66 -14.50 9.17 18.79
N PHE C 67 -15.70 9.47 19.35
CA PHE C 67 -15.92 10.72 20.05
C PHE C 67 -16.08 10.50 21.56
N LYS C 68 -15.46 9.46 22.12
CA LYS C 68 -15.33 9.30 23.56
C LYS C 68 -14.43 10.40 24.11
N PRO C 69 -14.87 11.24 25.08
CA PRO C 69 -13.97 12.18 25.75
C PRO C 69 -12.81 11.49 26.49
N ASN C 70 -11.65 12.14 26.50
CA ASN C 70 -10.40 11.50 26.90
C ASN C 70 -10.29 11.34 28.42
N ARG C 71 -9.58 10.28 28.86
CA ARG C 71 -9.37 9.98 30.26
C ARG C 71 -7.89 9.67 30.56
N SER C 72 -7.42 10.15 31.73
CA SER C 72 -6.03 10.10 32.15
C SER C 72 -5.69 8.88 33.01
N GLU C 73 -6.57 7.87 33.00
CA GLU C 73 -6.61 6.80 33.99
C GLU C 73 -5.32 5.98 34.02
N VAL C 74 -4.60 5.92 32.89
CA VAL C 74 -3.34 5.20 32.80
C VAL C 74 -2.39 5.64 33.91
N ASN C 75 -2.41 6.93 34.28
CA ASN C 75 -1.52 7.46 35.29
C ASN C 75 -1.86 6.95 36.68
N GLU C 76 -3.11 6.51 36.90
CA GLU C 76 -3.52 5.95 38.17
C GLU C 76 -3.13 4.47 38.24
N TRP C 77 -3.43 3.70 37.20
CA TRP C 77 -3.21 2.26 37.21
C TRP C 77 -1.74 1.88 37.29
N LEU C 78 -0.85 2.76 36.82
CA LEU C 78 0.58 2.59 37.04
C LEU C 78 0.90 2.47 38.54
N GLU C 79 0.30 3.31 39.38
CA GLU C 79 0.55 3.27 40.81
C GLU C 79 -0.04 2.01 41.45
N ASP C 80 -1.22 1.58 40.98
CA ASP C 80 -1.85 0.37 41.47
C ASP C 80 -0.97 -0.85 41.20
N ILE C 81 -0.47 -0.98 39.97
CA ILE C 81 0.31 -2.13 39.58
C ILE C 81 1.63 -2.15 40.37
N VAL C 82 2.26 -0.98 40.55
CA VAL C 82 3.48 -0.91 41.32
C VAL C 82 3.21 -1.30 42.77
N GLU C 83 2.11 -0.81 43.37
CA GLU C 83 1.75 -1.19 44.73
C GLU C 83 1.55 -2.70 44.86
N MET C 84 0.88 -3.32 43.89
CA MET C 84 0.66 -4.75 43.92
C MET C 84 1.99 -5.50 43.83
N SER C 85 2.92 -5.03 43.00
CA SER C 85 4.25 -5.63 42.94
C SER C 85 4.97 -5.49 44.27
N MET C 86 4.80 -4.35 44.95
CA MET C 86 5.38 -4.08 46.26
C MET C 86 4.86 -5.11 47.28
N VAL C 87 3.57 -5.44 47.20
CA VAL C 87 2.95 -6.44 48.04
C VAL C 87 3.53 -7.82 47.71
N ALA C 88 3.66 -8.18 46.42
CA ALA C 88 4.16 -9.48 46.02
C ALA C 88 5.58 -9.78 46.51
N ARG C 89 6.45 -8.76 46.57
CA ARG C 89 7.81 -8.88 47.08
C ARG C 89 7.87 -9.18 48.60
N ARG C 90 6.79 -8.95 49.35
CA ARG C 90 6.81 -8.83 50.80
C ARG C 90 5.77 -9.73 51.51
N GLU C 91 4.71 -10.15 50.79
CA GLU C 91 3.48 -10.66 51.39
C GLU C 91 3.00 -11.95 50.72
N GLY C 92 2.04 -12.65 51.34
CA GLY C 92 1.37 -13.80 50.73
C GLY C 92 0.51 -13.40 49.52
N VAL C 93 0.36 -14.29 48.54
CA VAL C 93 -0.35 -13.97 47.31
C VAL C 93 -1.84 -13.74 47.59
N LEU C 94 -2.34 -14.13 48.76
CA LEU C 94 -3.73 -13.84 49.16
C LEU C 94 -4.03 -12.33 49.13
N ALA C 95 -3.01 -11.51 49.42
CA ALA C 95 -3.16 -10.06 49.44
C ALA C 95 -3.35 -9.52 48.02
N LEU C 96 -2.69 -10.11 47.01
CA LEU C 96 -2.86 -9.69 45.63
C LEU C 96 -4.28 -9.94 45.15
N GLU C 97 -4.94 -10.99 45.68
CA GLU C 97 -6.35 -11.23 45.39
C GLU C 97 -7.22 -10.17 46.08
N GLN C 98 -7.12 -10.07 47.43
CA GLN C 98 -8.08 -9.29 48.20
C GLN C 98 -7.88 -7.79 48.02
N LYS C 99 -6.70 -7.37 47.54
CA LYS C 99 -6.39 -6.01 47.13
C LYS C 99 -7.05 -5.64 45.80
N VAL C 100 -7.41 -6.65 44.99
CA VAL C 100 -7.87 -6.48 43.62
C VAL C 100 -9.35 -6.87 43.46
N LEU C 101 -9.95 -7.44 44.51
CA LEU C 101 -11.28 -8.03 44.46
C LEU C 101 -12.39 -7.00 44.20
N ASP C 102 -12.09 -5.69 44.16
CA ASP C 102 -13.07 -4.66 43.78
C ASP C 102 -12.63 -3.77 42.59
N HIS C 103 -11.55 -4.13 41.90
CA HIS C 103 -10.85 -3.20 41.02
C HIS C 103 -11.69 -2.90 39.79
N PRO C 104 -11.74 -1.62 39.31
CA PRO C 104 -12.58 -1.27 38.16
C PRO C 104 -12.11 -1.73 36.79
N ASN C 105 -10.81 -2.04 36.63
CA ASN C 105 -10.30 -2.50 35.36
C ASN C 105 -10.43 -4.02 35.25
N ILE C 106 -11.35 -4.49 34.41
CA ILE C 106 -11.72 -5.91 34.37
C ILE C 106 -10.54 -6.75 33.87
N PHE C 107 -9.82 -6.23 32.87
CA PHE C 107 -8.70 -6.95 32.27
C PHE C 107 -7.62 -7.16 33.31
N LEU C 108 -7.33 -6.14 34.12
CA LEU C 108 -6.35 -6.26 35.18
C LEU C 108 -6.84 -7.23 36.25
N ARG C 109 -8.12 -7.14 36.64
CA ARG C 109 -8.65 -8.01 37.69
C ARG C 109 -8.51 -9.47 37.29
N GLU C 110 -8.92 -9.82 36.07
CA GLU C 110 -8.83 -11.18 35.61
C GLU C 110 -7.38 -11.65 35.55
N GLY C 111 -6.51 -10.81 34.98
CA GLY C 111 -5.09 -11.10 34.85
C GLY C 111 -4.45 -11.42 36.20
N ILE C 112 -4.76 -10.64 37.24
CA ILE C 112 -4.19 -10.89 38.54
C ILE C 112 -4.72 -12.21 39.10
N GLN C 113 -6.00 -12.51 38.92
CA GLN C 113 -6.52 -13.77 39.44
C GLN C 113 -5.83 -14.98 38.80
N LEU C 114 -5.49 -14.88 37.51
CA LEU C 114 -4.72 -15.90 36.81
C LEU C 114 -3.36 -16.19 37.46
N VAL C 115 -2.69 -15.17 38.05
CA VAL C 115 -1.39 -15.44 38.66
C VAL C 115 -1.56 -15.93 40.11
N VAL C 116 -2.56 -15.42 40.84
CA VAL C 116 -2.78 -15.89 42.21
C VAL C 116 -3.26 -17.35 42.20
N ASP C 117 -4.04 -17.75 41.19
CA ASP C 117 -4.43 -19.14 40.97
C ASP C 117 -3.23 -20.03 40.56
N GLY C 118 -2.06 -19.44 40.31
CA GLY C 118 -0.81 -20.17 40.19
C GLY C 118 -0.56 -20.75 38.79
N THR C 119 -1.26 -20.22 37.76
CA THR C 119 -1.04 -20.67 36.39
C THR C 119 0.35 -20.23 35.90
N ASP C 120 0.93 -20.99 34.98
CA ASP C 120 2.33 -20.79 34.60
C ASP C 120 2.48 -19.52 33.75
N GLN C 121 3.61 -18.82 33.89
CA GLN C 121 3.81 -17.51 33.30
C GLN C 121 3.67 -17.51 31.77
N PRO C 122 4.28 -18.45 30.99
CA PRO C 122 4.06 -18.49 29.55
C PRO C 122 2.68 -18.98 29.11
N ILE C 123 1.87 -19.51 30.03
CA ILE C 123 0.46 -19.77 29.77
C ILE C 123 -0.37 -18.50 30.01
N VAL C 124 -0.06 -17.70 31.05
CA VAL C 124 -0.80 -16.47 31.34
C VAL C 124 -0.74 -15.50 30.15
N ARG C 125 0.44 -15.30 29.56
CA ARG C 125 0.49 -14.41 28.43
C ARG C 125 -0.33 -14.93 27.24
N GLN C 126 -0.45 -16.24 27.03
CA GLN C 126 -1.22 -16.82 25.95
C GLN C 126 -2.73 -16.63 26.15
N ILE C 127 -3.26 -16.37 27.34
CA ILE C 127 -4.65 -15.98 27.49
C ILE C 127 -4.80 -14.45 27.47
N MET C 128 -3.82 -13.71 27.98
CA MET C 128 -3.92 -12.25 28.03
C MET C 128 -3.79 -11.63 26.63
N GLU C 129 -2.85 -12.12 25.81
CA GLU C 129 -2.70 -11.60 24.47
C GLU C 129 -3.87 -11.98 23.59
N LEU C 130 -4.56 -13.08 23.87
CA LEU C 130 -5.81 -13.48 23.22
C LEU C 130 -6.90 -12.44 23.49
N ASP C 131 -6.98 -11.99 24.74
CA ASP C 131 -7.98 -11.00 25.12
C ASP C 131 -7.67 -9.64 24.49
N ILE C 132 -6.39 -9.28 24.37
CA ILE C 132 -5.97 -8.07 23.67
C ILE C 132 -6.35 -8.17 22.19
N ASP C 133 -5.94 -9.21 21.47
CA ASP C 133 -6.05 -9.16 20.02
C ASP C 133 -7.51 -9.28 19.59
N ALA C 134 -8.42 -9.81 20.41
CA ALA C 134 -9.84 -9.66 20.18
C ALA C 134 -10.31 -8.19 20.21
N LYS C 135 -9.81 -7.38 21.15
CA LYS C 135 -10.14 -5.97 21.25
C LYS C 135 -9.54 -5.20 20.07
N GLU C 136 -8.31 -5.54 19.65
CA GLU C 136 -7.70 -4.91 18.50
C GLU C 136 -8.51 -5.18 17.23
N GLN C 137 -9.04 -6.40 17.07
CA GLN C 137 -9.80 -6.75 15.89
C GLN C 137 -11.17 -6.07 15.88
N GLU C 138 -11.79 -5.88 17.05
CA GLU C 138 -13.08 -5.20 17.12
C GLU C 138 -12.99 -3.77 16.57
N HIS C 139 -11.96 -3.00 16.96
CA HIS C 139 -11.84 -1.63 16.50
C HIS C 139 -11.47 -1.54 15.02
N ASP C 140 -10.66 -2.45 14.50
CA ASP C 140 -10.42 -2.48 13.06
C ASP C 140 -11.72 -2.73 12.29
N ASN C 141 -12.56 -3.64 12.79
CA ASN C 141 -13.82 -3.97 12.13
C ASN C 141 -14.78 -2.78 12.13
N TYR C 142 -14.66 -1.83 13.09
CA TYR C 142 -15.42 -0.59 13.04
C TYR C 142 -14.89 0.34 11.97
N ALA C 143 -13.59 0.54 11.98
CA ALA C 143 -12.98 1.52 11.10
C ALA C 143 -13.15 1.18 9.63
N LYS C 144 -13.14 -0.11 9.26
CA LYS C 144 -13.25 -0.49 7.86
C LYS C 144 -14.56 -0.07 7.21
N LEU C 145 -15.66 0.05 7.97
CA LEU C 145 -16.87 0.58 7.37
C LEU C 145 -16.69 2.01 6.87
N PHE C 146 -16.05 2.87 7.66
CA PHE C 146 -15.83 4.24 7.25
C PHE C 146 -14.76 4.33 6.18
N GLU C 147 -13.73 3.50 6.23
CA GLU C 147 -12.77 3.50 5.15
C GLU C 147 -13.42 3.07 3.84
N SER C 148 -14.38 2.12 3.84
CA SER C 148 -15.14 1.75 2.65
C SER C 148 -16.06 2.86 2.17
N ALA C 149 -16.84 3.46 3.08
CA ALA C 149 -17.73 4.55 2.68
C ALA C 149 -16.96 5.69 2.02
N GLY C 150 -15.82 6.05 2.58
CA GLY C 150 -15.01 7.10 2.01
C GLY C 150 -14.25 6.69 0.75
N SER C 151 -14.28 5.41 0.38
CA SER C 151 -13.71 4.95 -0.86
C SER C 151 -14.73 4.93 -1.98
N TYR C 152 -15.99 4.62 -1.66
CA TYR C 152 -17.05 4.57 -2.66
C TYR C 152 -17.55 5.95 -3.06
N ALA C 153 -17.70 6.87 -2.10
CA ALA C 153 -18.45 8.09 -2.34
C ALA C 153 -17.83 8.94 -3.44
N PRO C 154 -16.51 9.15 -3.50
CA PRO C 154 -15.88 9.85 -4.60
C PRO C 154 -16.32 9.31 -5.94
N THR C 155 -16.36 7.99 -6.12
CA THR C 155 -16.67 7.41 -7.42
C THR C 155 -18.13 7.60 -7.77
N MET C 156 -19.00 7.51 -6.76
CA MET C 156 -20.40 7.83 -7.01
C MET C 156 -20.57 9.29 -7.47
N GLY C 157 -19.71 10.17 -6.99
CA GLY C 157 -19.58 11.50 -7.56
C GLY C 157 -19.37 11.43 -9.07
N ILE C 158 -18.36 10.69 -9.54
CA ILE C 158 -18.14 10.56 -10.96
C ILE C 158 -19.31 9.85 -11.64
N ILE C 159 -20.14 9.10 -10.91
CA ILE C 159 -21.33 8.51 -11.50
C ILE C 159 -22.45 9.53 -11.40
N GLY C 160 -22.16 10.72 -10.86
CA GLY C 160 -23.10 11.81 -10.83
C GLY C 160 -22.74 12.83 -11.91
N THR C 161 -21.48 13.27 -11.98
CA THR C 161 -21.07 14.20 -13.02
C THR C 161 -21.35 13.66 -14.42
N VAL C 162 -21.14 12.37 -14.66
CA VAL C 162 -21.39 11.83 -15.99
C VAL C 162 -22.90 11.72 -16.22
N MET C 163 -23.67 11.32 -15.22
CA MET C 163 -25.12 11.34 -15.37
C MET C 163 -25.65 12.78 -15.37
N GLY C 164 -24.84 13.80 -15.07
CA GLY C 164 -25.16 15.20 -15.28
C GLY C 164 -24.83 15.67 -16.68
N LEU C 165 -23.64 15.32 -17.20
CA LEU C 165 -23.27 15.60 -18.58
C LEU C 165 -24.25 14.95 -19.56
N ILE C 166 -24.74 13.75 -19.29
CA ILE C 166 -25.66 13.10 -20.20
C ILE C 166 -26.99 13.84 -20.25
N GLN C 167 -27.37 14.63 -19.23
CA GLN C 167 -28.53 15.50 -19.36
C GLN C 167 -28.18 16.78 -20.14
N VAL C 168 -27.11 17.49 -19.76
CA VAL C 168 -26.79 18.76 -20.42
C VAL C 168 -26.52 18.56 -21.91
N LEU C 169 -25.61 17.64 -22.25
CA LEU C 169 -25.26 17.39 -23.63
C LEU C 169 -26.48 16.99 -24.45
N GLY C 170 -27.57 16.60 -23.79
CA GLY C 170 -28.76 16.20 -24.49
C GLY C 170 -29.64 17.39 -24.89
N HIS C 171 -29.39 18.57 -24.32
CA HIS C 171 -30.24 19.72 -24.55
C HIS C 171 -29.38 20.92 -24.94
N LEU C 172 -28.36 20.69 -25.78
CA LEU C 172 -27.46 21.76 -26.18
C LEU C 172 -28.21 22.90 -26.86
N THR C 173 -29.20 22.54 -27.69
CA THR C 173 -29.92 23.52 -28.48
C THR C 173 -31.06 24.18 -27.71
N ASP C 174 -31.21 23.85 -26.41
CA ASP C 174 -32.25 24.43 -25.58
C ASP C 174 -31.68 25.12 -24.33
N PRO C 175 -31.25 26.40 -24.43
CA PRO C 175 -30.73 27.13 -23.28
C PRO C 175 -31.70 27.36 -22.12
N SER C 176 -32.99 26.98 -22.30
CA SER C 176 -34.00 27.18 -21.27
C SER C 176 -33.98 26.06 -20.23
N GLN C 177 -33.44 24.89 -20.57
CA GLN C 177 -33.39 23.73 -19.68
C GLN C 177 -31.95 23.34 -19.35
N LEU C 178 -30.97 23.99 -19.97
CA LEU C 178 -29.57 23.74 -19.70
C LEU C 178 -29.25 24.14 -18.25
N GLY C 179 -29.84 25.23 -17.78
CA GLY C 179 -29.49 25.79 -16.48
C GLY C 179 -29.68 24.82 -15.32
N PRO C 180 -30.91 24.31 -15.08
CA PRO C 180 -31.14 23.34 -14.01
C PRO C 180 -30.34 22.05 -14.18
N SER C 181 -29.98 21.69 -15.42
CA SER C 181 -29.25 20.47 -15.72
C SER C 181 -27.77 20.60 -15.37
N ILE C 182 -27.13 21.73 -15.70
CA ILE C 182 -25.70 21.89 -15.49
C ILE C 182 -25.35 21.86 -14.00
N ALA C 183 -26.28 22.28 -13.14
CA ALA C 183 -26.12 22.27 -11.70
C ALA C 183 -25.73 20.91 -11.15
N VAL C 184 -26.24 19.81 -11.73
CA VAL C 184 -25.96 18.47 -11.24
C VAL C 184 -24.49 18.11 -11.43
N ALA C 185 -23.88 18.54 -12.55
CA ALA C 185 -22.48 18.24 -12.81
C ALA C 185 -21.54 18.87 -11.77
N PHE C 186 -21.89 20.03 -11.23
CA PHE C 186 -21.16 20.63 -10.13
C PHE C 186 -21.52 19.95 -8.83
N ILE C 187 -22.80 19.94 -8.45
CA ILE C 187 -23.13 19.61 -7.07
C ILE C 187 -22.86 18.14 -6.76
N ALA C 188 -23.01 17.25 -7.74
CA ALA C 188 -22.70 15.85 -7.51
C ALA C 188 -21.21 15.63 -7.27
N THR C 189 -20.33 16.43 -7.88
CA THR C 189 -18.90 16.39 -7.54
C THR C 189 -18.73 16.79 -6.08
N LEU C 190 -19.39 17.88 -5.68
CA LEU C 190 -19.17 18.50 -4.39
C LEU C 190 -19.60 17.54 -3.29
N TYR C 191 -20.76 16.88 -3.37
CA TYR C 191 -21.15 15.92 -2.34
C TYR C 191 -20.21 14.72 -2.28
N GLY C 192 -19.76 14.26 -3.45
CA GLY C 192 -18.85 13.13 -3.49
C GLY C 192 -17.52 13.39 -2.78
N VAL C 193 -16.94 14.59 -2.99
CA VAL C 193 -15.65 14.91 -2.44
C VAL C 193 -15.79 15.36 -0.98
N ALA C 194 -16.77 16.20 -0.68
CA ALA C 194 -16.90 16.72 0.67
C ALA C 194 -17.26 15.63 1.66
N SER C 195 -18.18 14.71 1.32
CA SER C 195 -18.55 13.66 2.29
C SER C 195 -17.38 12.74 2.60
N ALA C 196 -16.60 12.41 1.58
CA ALA C 196 -15.43 11.56 1.74
C ALA C 196 -14.40 12.23 2.64
N ASN C 197 -14.09 13.51 2.39
CA ASN C 197 -12.91 14.12 2.99
C ASN C 197 -13.21 14.93 4.24
N LEU C 198 -14.48 15.16 4.58
CA LEU C 198 -14.80 15.87 5.80
C LEU C 198 -15.60 15.01 6.77
N ILE C 199 -16.19 13.88 6.34
CA ILE C 199 -16.91 13.02 7.26
C ILE C 199 -16.26 11.64 7.37
N PHE C 200 -16.27 10.86 6.28
CA PHE C 200 -15.94 9.45 6.36
C PHE C 200 -14.46 9.24 6.68
N LEU C 201 -13.54 9.85 5.91
CA LEU C 201 -12.14 9.52 6.13
C LEU C 201 -11.61 10.09 7.44
N PRO C 202 -11.96 11.32 7.85
CA PRO C 202 -11.65 11.79 9.18
C PRO C 202 -12.18 10.91 10.32
N ILE C 203 -13.42 10.42 10.25
CA ILE C 203 -13.90 9.53 11.30
C ILE C 203 -13.07 8.25 11.36
N ALA C 204 -12.75 7.68 10.20
CA ALA C 204 -11.96 6.47 10.16
C ALA C 204 -10.64 6.69 10.87
N SER C 205 -9.94 7.80 10.60
CA SER C 205 -8.67 8.07 11.24
C SER C 205 -8.81 8.22 12.75
N LYS C 206 -9.88 8.83 13.22
CA LYS C 206 -10.03 9.06 14.63
C LYS C 206 -10.37 7.78 15.41
N ILE C 207 -11.18 6.89 14.85
CA ILE C 207 -11.41 5.56 15.43
C ILE C 207 -10.07 4.84 15.60
N ARG C 208 -9.22 4.83 14.58
CA ARG C 208 -7.96 4.13 14.68
C ARG C 208 -7.05 4.82 15.68
N ALA C 209 -7.04 6.15 15.76
CA ALA C 209 -6.22 6.85 16.73
C ALA C 209 -6.68 6.60 18.16
N LYS C 210 -7.97 6.48 18.44
CA LYS C 210 -8.41 6.14 19.76
C LYS C 210 -8.17 4.66 20.09
N SER C 211 -8.26 3.78 19.10
CA SER C 211 -7.99 2.36 19.30
C SER C 211 -6.56 2.13 19.77
N ALA C 212 -5.58 2.80 19.16
CA ALA C 212 -4.19 2.64 19.55
C ALA C 212 -3.96 2.99 21.02
N GLU C 213 -4.68 3.99 21.53
CA GLU C 213 -4.54 4.40 22.92
C GLU C 213 -5.20 3.41 23.87
N GLU C 214 -6.32 2.79 23.46
CA GLU C 214 -6.94 1.72 24.24
C GLU C 214 -6.02 0.49 24.34
N ILE C 215 -5.40 0.12 23.21
CA ILE C 215 -4.57 -1.06 23.17
C ILE C 215 -3.31 -0.82 24.00
N LEU C 216 -2.73 0.38 23.96
CA LEU C 216 -1.52 0.65 24.74
C LEU C 216 -1.76 0.46 26.25
N VAL C 217 -2.90 0.89 26.76
CA VAL C 217 -3.20 0.67 28.16
C VAL C 217 -3.30 -0.82 28.47
N MET C 218 -3.87 -1.63 27.57
CA MET C 218 -3.90 -3.06 27.80
C MET C 218 -2.48 -3.66 27.78
N GLU C 219 -1.62 -3.24 26.84
CA GLU C 219 -0.26 -3.74 26.77
C GLU C 219 0.52 -3.38 28.03
N MET C 220 0.29 -2.21 28.60
CA MET C 220 0.90 -1.85 29.86
C MET C 220 0.43 -2.78 30.98
N ILE C 221 -0.87 -3.04 31.07
CA ILE C 221 -1.39 -3.90 32.14
C ILE C 221 -0.84 -5.31 32.00
N LEU C 222 -0.64 -5.80 30.77
CA LEU C 222 -0.03 -7.09 30.56
C LEU C 222 1.38 -7.13 31.13
N GLU C 223 2.23 -6.15 30.81
CA GLU C 223 3.57 -6.11 31.38
C GLU C 223 3.54 -5.94 32.90
N GLY C 224 2.51 -5.28 33.42
CA GLY C 224 2.23 -5.24 34.85
C GLY C 224 2.00 -6.63 35.46
N VAL C 225 1.06 -7.41 34.93
CA VAL C 225 0.70 -8.71 35.47
C VAL C 225 1.90 -9.66 35.40
N LEU C 226 2.63 -9.64 34.29
CA LEU C 226 3.74 -10.55 34.17
C LEU C 226 4.87 -10.15 35.12
N SER C 227 5.15 -8.85 35.29
CA SER C 227 6.19 -8.43 36.23
C SER C 227 5.81 -8.75 37.69
N VAL C 228 4.53 -8.68 38.07
CA VAL C 228 4.10 -9.17 39.37
C VAL C 228 4.35 -10.67 39.54
N GLN C 229 4.17 -11.47 38.49
CA GLN C 229 4.44 -12.90 38.55
C GLN C 229 5.94 -13.19 38.70
N ASN C 230 6.80 -12.44 38.00
CA ASN C 230 8.24 -12.58 38.09
C ASN C 230 8.79 -12.20 39.49
N GLY C 231 8.04 -11.34 40.21
CA GLY C 231 8.53 -10.77 41.46
C GLY C 231 9.64 -9.75 41.25
N ASP C 232 9.58 -9.02 40.13
CA ASP C 232 10.55 -8.00 39.82
C ASP C 232 10.46 -6.83 40.80
N ASN C 233 11.62 -6.18 41.01
CA ASN C 233 11.77 -5.13 42.02
C ASN C 233 11.13 -3.83 41.54
N ALA C 234 10.60 -3.04 42.50
CA ALA C 234 9.62 -2.00 42.21
C ALA C 234 10.16 -0.93 41.25
N LEU C 235 11.45 -0.56 41.38
CA LEU C 235 12.03 0.49 40.55
C LEU C 235 12.12 0.04 39.09
N LEU C 236 12.46 -1.24 38.86
CA LEU C 236 12.52 -1.78 37.51
C LEU C 236 11.11 -1.92 36.94
N VAL C 237 10.11 -2.28 37.74
CA VAL C 237 8.71 -2.31 37.30
C VAL C 237 8.26 -0.92 36.85
N ARG C 238 8.54 0.11 37.64
CA ARG C 238 8.27 1.50 37.28
C ARG C 238 8.97 1.86 35.96
N LYS C 239 10.23 1.42 35.78
CA LYS C 239 11.02 1.72 34.59
C LYS C 239 10.43 1.07 33.33
N LYS C 240 9.99 -0.19 33.40
CA LYS C 240 9.39 -0.86 32.25
C LYS C 240 8.06 -0.20 31.87
N LEU C 241 7.13 -0.07 32.83
CA LEU C 241 5.77 0.38 32.54
C LEU C 241 5.77 1.83 32.06
N ASN C 242 6.68 2.65 32.54
CA ASN C 242 6.71 4.05 32.15
C ASN C 242 6.99 4.22 30.64
N THR C 243 7.51 3.22 29.93
CA THR C 243 7.74 3.36 28.50
C THR C 243 6.42 3.43 27.71
N TYR C 244 5.31 2.98 28.30
CA TYR C 244 4.01 2.99 27.63
C TYR C 244 3.22 4.28 27.87
N ILE C 245 3.80 5.25 28.60
CA ILE C 245 3.14 6.47 29.02
C ILE C 245 3.82 7.70 28.39
N THR C 246 3.00 8.70 28.05
CA THR C 246 3.49 10.02 27.67
C THR C 246 2.52 11.12 28.14
N GLN D 26 -35.30 8.82 -12.91
CA GLN D 26 -36.18 8.54 -14.08
C GLN D 26 -35.39 7.76 -15.13
N ILE D 27 -36.09 6.88 -15.87
CA ILE D 27 -35.50 6.04 -16.90
C ILE D 27 -35.90 6.56 -18.29
N THR D 28 -35.03 7.39 -18.90
CA THR D 28 -35.27 7.96 -20.23
C THR D 28 -34.14 7.60 -21.19
N GLY D 29 -34.27 6.46 -21.90
CA GLY D 29 -33.37 6.09 -22.97
C GLY D 29 -31.93 5.83 -22.49
N LEU D 30 -31.82 5.22 -21.29
CA LEU D 30 -30.52 4.97 -20.67
C LEU D 30 -30.06 3.53 -20.87
N PHE D 31 -30.78 2.75 -21.70
CA PHE D 31 -30.32 1.41 -22.07
C PHE D 31 -29.83 1.39 -23.51
N GLN D 32 -28.56 1.00 -23.73
CA GLN D 32 -28.00 0.88 -25.06
C GLN D 32 -27.19 -0.42 -25.16
N GLY D 33 -27.59 -1.33 -26.06
CA GLY D 33 -27.01 -2.66 -26.16
C GLY D 33 -25.51 -2.64 -26.49
N THR D 34 -25.16 -1.92 -27.55
CA THR D 34 -23.78 -1.89 -28.03
C THR D 34 -22.83 -1.39 -26.94
N ALA D 35 -23.37 -0.84 -25.84
CA ALA D 35 -22.56 -0.37 -24.73
C ALA D 35 -22.41 -1.47 -23.68
N ALA D 36 -23.45 -2.26 -23.43
CA ALA D 36 -23.33 -3.42 -22.53
C ALA D 36 -22.41 -4.48 -23.14
N LEU D 37 -22.48 -4.71 -24.46
CA LEU D 37 -21.63 -5.70 -25.11
C LEU D 37 -20.15 -5.33 -25.02
N ILE D 38 -19.78 -4.06 -25.18
CA ILE D 38 -18.38 -3.67 -25.06
C ILE D 38 -17.88 -3.85 -23.62
N VAL D 39 -18.65 -3.43 -22.62
CA VAL D 39 -18.25 -3.44 -21.22
C VAL D 39 -18.21 -4.85 -20.66
N PHE D 40 -19.29 -5.62 -20.76
CA PHE D 40 -19.33 -6.94 -20.16
C PHE D 40 -18.58 -7.95 -21.01
N GLY D 41 -18.70 -7.87 -22.33
CA GLY D 41 -17.91 -8.71 -23.19
C GLY D 41 -16.41 -8.49 -23.01
N GLY D 42 -16.00 -7.24 -22.92
CA GLY D 42 -14.60 -6.95 -22.68
C GLY D 42 -14.13 -7.40 -21.29
N THR D 43 -14.96 -7.24 -20.25
CA THR D 43 -14.62 -7.69 -18.90
C THR D 43 -14.42 -9.20 -18.86
N ILE D 44 -15.34 -9.95 -19.47
CA ILE D 44 -15.22 -11.40 -19.56
C ILE D 44 -13.95 -11.78 -20.32
N ALA D 45 -13.62 -11.08 -21.40
CA ALA D 45 -12.42 -11.36 -22.15
C ALA D 45 -11.17 -11.15 -21.28
N ALA D 46 -11.09 -10.02 -20.59
CA ALA D 46 -9.96 -9.74 -19.74
C ALA D 46 -9.82 -10.76 -18.60
N VAL D 47 -10.93 -11.18 -17.98
CA VAL D 47 -10.89 -12.20 -16.93
C VAL D 47 -10.53 -13.59 -17.45
N LEU D 48 -11.06 -14.02 -18.59
CA LEU D 48 -10.70 -15.31 -19.15
C LEU D 48 -9.24 -15.38 -19.56
N ILE D 49 -8.64 -14.30 -20.05
CA ILE D 49 -7.20 -14.29 -20.30
C ILE D 49 -6.45 -14.40 -18.97
N SER D 50 -6.99 -13.80 -17.91
CA SER D 50 -6.23 -13.47 -16.72
C SER D 50 -6.09 -14.65 -15.75
N TYR D 51 -6.87 -15.73 -15.94
CA TYR D 51 -6.86 -16.88 -15.03
C TYR D 51 -6.93 -18.19 -15.80
N PRO D 52 -6.37 -19.26 -15.25
CA PRO D 52 -6.57 -20.59 -15.81
C PRO D 52 -8.04 -20.99 -15.71
N MET D 53 -8.47 -21.92 -16.56
CA MET D 53 -9.86 -22.27 -16.67
C MET D 53 -10.39 -22.89 -15.37
N HIS D 54 -9.57 -23.65 -14.64
CA HIS D 54 -10.06 -24.32 -13.45
C HIS D 54 -10.45 -23.33 -12.34
N ARG D 55 -9.94 -22.07 -12.38
CA ARG D 55 -10.41 -21.03 -11.47
C ARG D 55 -11.83 -20.62 -11.79
N ILE D 56 -12.12 -20.37 -13.06
CA ILE D 56 -13.38 -19.79 -13.51
C ILE D 56 -14.55 -20.68 -13.12
N ARG D 57 -14.33 -22.01 -13.15
CA ARG D 57 -15.38 -22.97 -12.83
C ARG D 57 -15.71 -22.98 -11.33
N THR D 58 -14.98 -22.22 -10.50
CA THR D 58 -15.29 -22.09 -9.06
C THR D 58 -16.20 -20.92 -8.73
N LEU D 59 -16.53 -20.05 -9.69
CA LEU D 59 -17.29 -18.84 -9.38
C LEU D 59 -18.66 -19.14 -8.73
N PRO D 60 -19.40 -20.19 -9.11
CA PRO D 60 -20.59 -20.60 -8.41
C PRO D 60 -20.43 -20.76 -6.89
N ALA D 61 -19.29 -21.28 -6.44
CA ALA D 61 -19.05 -21.46 -5.02
C ALA D 61 -18.75 -20.10 -4.38
N GLY D 62 -18.02 -19.27 -5.10
CA GLY D 62 -17.62 -17.95 -4.64
C GLY D 62 -18.80 -17.05 -4.32
N ILE D 63 -19.75 -17.00 -5.25
CA ILE D 63 -20.94 -16.19 -5.06
C ILE D 63 -21.85 -16.79 -3.98
N LYS D 64 -21.88 -18.11 -3.80
CA LYS D 64 -22.63 -18.72 -2.72
C LYS D 64 -22.01 -18.39 -1.37
N LEU D 65 -20.69 -18.35 -1.24
CA LEU D 65 -20.06 -17.89 -0.01
C LEU D 65 -20.33 -16.41 0.26
N ALA D 66 -20.38 -15.61 -0.80
CA ALA D 66 -20.66 -14.19 -0.65
C ALA D 66 -22.07 -13.98 -0.08
N PHE D 67 -23.09 -14.66 -0.62
CA PHE D 67 -24.47 -14.37 -0.26
C PHE D 67 -25.15 -15.59 0.36
N LYS D 68 -24.69 -16.03 1.52
CA LYS D 68 -25.18 -17.27 2.11
C LYS D 68 -25.41 -17.08 3.59
N PRO D 69 -26.54 -17.60 4.14
CA PRO D 69 -26.90 -17.35 5.54
C PRO D 69 -25.87 -17.93 6.51
N ASN D 70 -25.63 -17.22 7.61
CA ASN D 70 -24.64 -17.63 8.59
C ASN D 70 -25.19 -18.76 9.47
N ARG D 71 -26.37 -18.53 10.06
CA ARG D 71 -26.97 -19.47 11.01
C ARG D 71 -25.89 -19.98 11.97
N SER D 72 -25.03 -19.06 12.44
CA SER D 72 -23.86 -19.41 13.23
C SER D 72 -24.29 -20.30 14.40
N GLU D 73 -23.59 -21.42 14.57
CA GLU D 73 -23.79 -22.29 15.71
C GLU D 73 -22.56 -22.30 16.60
N VAL D 74 -21.58 -21.40 16.41
CA VAL D 74 -20.35 -21.49 17.16
C VAL D 74 -20.63 -21.51 18.66
N ASN D 75 -21.62 -20.73 19.11
CA ASN D 75 -22.03 -20.73 20.51
C ASN D 75 -22.42 -22.15 21.00
N GLU D 76 -22.62 -23.08 20.06
CA GLU D 76 -22.91 -24.46 20.33
C GLU D 76 -21.65 -25.31 20.25
N TRP D 77 -20.82 -25.13 19.21
CA TRP D 77 -19.58 -25.89 19.06
C TRP D 77 -18.68 -25.77 20.31
N LEU D 78 -18.63 -24.57 20.88
CA LEU D 78 -17.91 -24.34 22.11
C LEU D 78 -18.45 -25.25 23.21
N GLU D 79 -19.78 -25.26 23.38
CA GLU D 79 -20.37 -26.03 24.48
C GLU D 79 -19.88 -27.48 24.36
N ASP D 80 -19.89 -28.01 23.14
CA ASP D 80 -19.46 -29.39 22.90
C ASP D 80 -17.98 -29.51 23.22
N ILE D 81 -17.15 -28.62 22.67
CA ILE D 81 -15.71 -28.63 22.92
C ILE D 81 -15.42 -28.55 24.42
N VAL D 82 -16.17 -27.68 25.10
CA VAL D 82 -16.01 -27.50 26.53
C VAL D 82 -16.31 -28.79 27.27
N GLU D 83 -17.45 -29.40 26.96
CA GLU D 83 -17.90 -30.63 27.62
C GLU D 83 -16.87 -31.75 27.44
N MET D 84 -16.31 -31.87 26.22
CA MET D 84 -15.36 -32.94 25.96
C MET D 84 -14.16 -32.89 26.90
N SER D 85 -13.72 -31.69 27.28
CA SER D 85 -12.60 -31.54 28.19
C SER D 85 -12.89 -32.29 29.49
N MET D 86 -14.10 -32.10 30.04
CA MET D 86 -14.50 -32.69 31.30
C MET D 86 -14.41 -34.21 31.25
N VAL D 87 -14.78 -34.80 30.09
CA VAL D 87 -14.72 -36.24 29.92
C VAL D 87 -13.28 -36.74 30.01
N ALA D 88 -12.33 -36.07 29.36
CA ALA D 88 -10.94 -36.49 29.40
C ALA D 88 -10.36 -36.44 30.82
N ARG D 89 -10.71 -35.40 31.60
CA ARG D 89 -10.11 -35.21 32.93
C ARG D 89 -10.46 -36.40 33.84
N ARG D 90 -11.72 -36.88 33.76
CA ARG D 90 -12.13 -38.04 34.54
C ARG D 90 -11.90 -39.30 33.71
N GLU D 91 -12.77 -39.53 32.73
CA GLU D 91 -12.66 -40.65 31.80
C GLU D 91 -11.41 -40.44 30.95
N GLY D 92 -10.59 -41.48 30.77
CA GLY D 92 -9.38 -41.40 29.96
C GLY D 92 -9.68 -41.06 28.50
N VAL D 93 -8.65 -40.67 27.75
CA VAL D 93 -8.77 -40.33 26.32
C VAL D 93 -9.43 -41.47 25.54
N LEU D 94 -9.33 -42.71 26.05
CA LEU D 94 -10.02 -43.83 25.45
C LEU D 94 -11.54 -43.59 25.37
N ALA D 95 -12.11 -42.87 26.34
CA ALA D 95 -13.53 -42.57 26.37
C ALA D 95 -13.83 -41.21 25.74
N LEU D 96 -12.82 -40.52 25.19
CA LEU D 96 -13.04 -39.27 24.47
C LEU D 96 -13.54 -39.59 23.06
N GLU D 97 -13.60 -40.87 22.69
CA GLU D 97 -14.08 -41.29 21.40
C GLU D 97 -15.60 -41.22 21.31
N GLN D 98 -16.31 -40.73 22.33
CA GLN D 98 -17.73 -40.45 22.23
C GLN D 98 -18.04 -39.42 21.13
N LYS D 99 -17.02 -38.66 20.70
CA LYS D 99 -17.09 -37.80 19.53
C LYS D 99 -17.27 -38.59 18.24
N VAL D 100 -17.07 -39.92 18.29
CA VAL D 100 -17.27 -40.77 17.12
C VAL D 100 -18.71 -40.72 16.63
N LEU D 101 -19.64 -40.15 17.42
CA LEU D 101 -20.98 -39.83 16.91
C LEU D 101 -20.87 -38.96 15.66
N ASP D 102 -19.70 -38.30 15.49
CA ASP D 102 -19.40 -37.52 14.31
C ASP D 102 -20.14 -36.20 14.42
N HIS D 103 -19.70 -35.34 15.36
CA HIS D 103 -20.23 -33.99 15.46
C HIS D 103 -20.31 -33.48 14.03
N PRO D 104 -21.33 -32.68 13.64
CA PRO D 104 -21.47 -32.27 12.26
C PRO D 104 -20.17 -31.68 11.71
N ASN D 105 -19.43 -30.89 12.50
CA ASN D 105 -18.21 -30.26 11.99
C ASN D 105 -17.12 -31.34 11.82
N ILE D 106 -16.72 -31.54 10.57
CA ILE D 106 -15.73 -32.55 10.21
C ILE D 106 -14.38 -32.18 10.85
N PHE D 107 -14.02 -30.89 10.87
CA PHE D 107 -12.72 -30.47 11.39
C PHE D 107 -12.56 -30.90 12.84
N LEU D 108 -13.63 -30.77 13.62
CA LEU D 108 -13.61 -31.20 15.01
C LEU D 108 -13.50 -32.72 15.11
N ARG D 109 -14.24 -33.46 14.27
CA ARG D 109 -14.18 -34.92 14.31
C ARG D 109 -12.76 -35.40 14.06
N GLU D 110 -12.14 -34.90 12.99
CA GLU D 110 -10.80 -35.28 12.63
C GLU D 110 -9.82 -34.78 13.70
N GLY D 111 -9.94 -33.52 14.11
CA GLY D 111 -9.04 -32.99 15.12
C GLY D 111 -8.96 -33.84 16.39
N ILE D 112 -10.11 -34.21 16.93
CA ILE D 112 -10.13 -35.03 18.12
C ILE D 112 -9.63 -36.44 17.81
N GLN D 113 -9.85 -36.97 16.61
CA GLN D 113 -9.21 -38.22 16.21
C GLN D 113 -7.69 -38.11 16.03
N LEU D 114 -7.07 -36.92 16.01
CA LEU D 114 -5.64 -36.77 16.16
C LEU D 114 -5.22 -36.66 17.62
N VAL D 115 -6.12 -36.39 18.56
CA VAL D 115 -5.82 -36.39 19.99
C VAL D 115 -5.93 -37.81 20.56
N VAL D 116 -6.78 -38.68 19.98
CA VAL D 116 -6.67 -40.12 20.16
C VAL D 116 -5.24 -40.58 19.86
N ASP D 117 -4.72 -41.53 20.64
CA ASP D 117 -3.28 -41.74 20.84
C ASP D 117 -2.54 -42.14 19.56
N GLY D 118 -1.22 -41.96 19.56
CA GLY D 118 -0.39 -42.09 18.37
C GLY D 118 0.17 -40.74 17.88
N THR D 119 0.04 -39.67 18.70
CA THR D 119 0.32 -38.32 18.28
C THR D 119 0.94 -37.49 19.41
N ASP D 120 1.48 -36.34 19.02
CA ASP D 120 2.13 -35.41 19.93
C ASP D 120 1.78 -33.96 19.57
N GLN D 121 1.84 -33.07 20.56
CA GLN D 121 1.16 -31.78 20.50
C GLN D 121 1.60 -30.93 19.32
N PRO D 122 2.91 -30.70 19.02
CA PRO D 122 3.30 -29.89 17.86
C PRO D 122 2.95 -30.51 16.52
N ILE D 123 2.78 -31.84 16.47
CA ILE D 123 2.33 -32.52 15.25
C ILE D 123 0.81 -32.37 15.08
N VAL D 124 0.05 -32.46 16.17
CA VAL D 124 -1.39 -32.23 16.11
C VAL D 124 -1.69 -30.79 15.68
N ARG D 125 -0.96 -29.83 16.23
CA ARG D 125 -1.08 -28.45 15.77
C ARG D 125 -0.78 -28.36 14.28
N GLN D 126 0.33 -28.94 13.83
CA GLN D 126 0.76 -28.81 12.46
C GLN D 126 -0.30 -29.35 11.50
N ILE D 127 -0.86 -30.54 11.76
CA ILE D 127 -1.79 -31.14 10.83
C ILE D 127 -3.10 -30.35 10.77
N MET D 128 -3.57 -29.85 11.92
CA MET D 128 -4.78 -29.04 11.98
C MET D 128 -4.60 -27.69 11.28
N GLU D 129 -3.47 -27.03 11.51
CA GLU D 129 -3.25 -25.68 11.03
C GLU D 129 -3.10 -25.69 9.51
N LEU D 130 -2.64 -26.78 8.89
CA LEU D 130 -2.60 -26.89 7.44
C LEU D 130 -3.97 -26.87 6.81
N ASP D 131 -4.99 -27.40 7.47
CA ASP D 131 -6.35 -27.34 6.95
C ASP D 131 -6.86 -25.88 6.96
N ILE D 132 -6.53 -25.12 8.01
CA ILE D 132 -6.94 -23.73 8.11
C ILE D 132 -6.20 -22.94 7.04
N ASP D 133 -4.89 -23.12 6.90
CA ASP D 133 -4.13 -22.38 5.90
C ASP D 133 -4.62 -22.72 4.49
N ALA D 134 -5.08 -23.94 4.25
CA ALA D 134 -5.66 -24.30 2.96
C ALA D 134 -7.00 -23.60 2.72
N LYS D 135 -7.87 -23.52 3.73
CA LYS D 135 -9.17 -22.90 3.58
C LYS D 135 -9.04 -21.38 3.45
N GLU D 136 -8.09 -20.74 4.13
CA GLU D 136 -7.85 -19.32 3.94
C GLU D 136 -7.42 -19.03 2.50
N GLN D 137 -6.59 -19.87 1.92
CA GLN D 137 -6.12 -19.68 0.57
C GLN D 137 -7.21 -19.95 -0.46
N GLU D 138 -8.11 -20.89 -0.20
CA GLU D 138 -9.24 -21.11 -1.09
C GLU D 138 -10.14 -19.87 -1.18
N HIS D 139 -10.52 -19.27 -0.05
CA HIS D 139 -11.43 -18.14 -0.07
C HIS D 139 -10.78 -16.87 -0.68
N ASP D 140 -9.48 -16.65 -0.46
CA ASP D 140 -8.81 -15.56 -1.13
C ASP D 140 -8.83 -15.77 -2.65
N ASN D 141 -8.61 -16.99 -3.11
CA ASN D 141 -8.63 -17.28 -4.55
C ASN D 141 -10.02 -17.09 -5.17
N TYR D 142 -11.10 -17.17 -4.39
CA TYR D 142 -12.43 -16.82 -4.88
C TYR D 142 -12.54 -15.32 -5.06
N ALA D 143 -12.16 -14.57 -4.03
CA ALA D 143 -12.34 -13.13 -4.04
C ALA D 143 -11.50 -12.42 -5.09
N LYS D 144 -10.31 -12.90 -5.40
CA LYS D 144 -9.43 -12.29 -6.39
C LYS D 144 -10.06 -12.20 -7.80
N LEU D 145 -10.93 -13.13 -8.17
CA LEU D 145 -11.63 -13.01 -9.42
C LEU D 145 -12.54 -11.79 -9.41
N PHE D 146 -13.29 -11.55 -8.34
CA PHE D 146 -14.17 -10.41 -8.29
C PHE D 146 -13.41 -9.10 -8.15
N GLU D 147 -12.30 -9.07 -7.42
CA GLU D 147 -11.50 -7.86 -7.40
C GLU D 147 -10.98 -7.52 -8.79
N SER D 148 -10.50 -8.51 -9.53
CA SER D 148 -9.95 -8.27 -10.87
C SER D 148 -11.04 -7.92 -11.86
N ALA D 149 -12.18 -8.60 -11.81
CA ALA D 149 -13.31 -8.20 -12.63
C ALA D 149 -13.74 -6.76 -12.36
N GLY D 150 -13.72 -6.36 -11.11
CA GLY D 150 -14.12 -5.01 -10.76
C GLY D 150 -13.10 -3.93 -11.11
N SER D 151 -11.89 -4.34 -11.50
CA SER D 151 -10.89 -3.38 -11.95
C SER D 151 -10.92 -3.27 -13.48
N TYR D 152 -11.17 -4.38 -14.18
CA TYR D 152 -11.22 -4.37 -15.63
C TYR D 152 -12.47 -3.67 -16.18
N ALA D 153 -13.59 -3.78 -15.47
CA ALA D 153 -14.83 -3.26 -16.00
C ALA D 153 -14.81 -1.75 -16.18
N PRO D 154 -14.30 -0.95 -15.22
CA PRO D 154 -14.31 0.49 -15.41
C PRO D 154 -13.48 0.89 -16.62
N THR D 155 -12.33 0.22 -16.83
CA THR D 155 -11.44 0.56 -17.92
C THR D 155 -12.06 0.23 -19.27
N MET D 156 -12.87 -0.82 -19.33
CA MET D 156 -13.55 -1.15 -20.58
C MET D 156 -14.59 -0.07 -20.90
N GLY D 157 -15.30 0.42 -19.88
CA GLY D 157 -16.20 1.55 -20.09
C GLY D 157 -15.58 2.69 -20.92
N ILE D 158 -14.35 3.06 -20.59
CA ILE D 158 -13.63 4.07 -21.32
C ILE D 158 -13.38 3.61 -22.75
N ILE D 159 -13.02 2.34 -22.97
CA ILE D 159 -12.86 1.84 -24.33
C ILE D 159 -14.17 1.96 -25.12
N GLY D 160 -15.30 1.60 -24.52
CA GLY D 160 -16.58 1.74 -25.18
C GLY D 160 -16.89 3.19 -25.58
N THR D 161 -16.57 4.12 -24.67
CA THR D 161 -16.79 5.53 -24.95
C THR D 161 -15.90 6.02 -26.08
N VAL D 162 -14.61 5.72 -26.03
CA VAL D 162 -13.70 6.20 -27.05
C VAL D 162 -14.00 5.59 -28.41
N MET D 163 -14.39 4.33 -28.46
CA MET D 163 -14.84 3.72 -29.70
C MET D 163 -16.07 4.42 -30.26
N GLY D 164 -17.02 4.80 -29.38
CA GLY D 164 -18.19 5.57 -29.78
C GLY D 164 -17.84 6.94 -30.37
N LEU D 165 -16.95 7.68 -29.68
CA LEU D 165 -16.56 9.00 -30.12
C LEU D 165 -15.83 8.93 -31.46
N ILE D 166 -14.97 7.93 -31.65
CA ILE D 166 -14.25 7.80 -32.91
C ILE D 166 -15.24 7.60 -34.05
N GLN D 167 -16.31 6.85 -33.80
CA GLN D 167 -17.31 6.62 -34.84
C GLN D 167 -18.09 7.90 -35.14
N VAL D 168 -18.52 8.65 -34.11
CA VAL D 168 -19.32 9.86 -34.30
C VAL D 168 -18.50 10.93 -35.03
N LEU D 169 -17.38 11.36 -34.44
CA LEU D 169 -16.63 12.50 -34.96
C LEU D 169 -16.20 12.26 -36.41
N GLY D 170 -15.93 11.01 -36.72
CA GLY D 170 -15.52 10.63 -38.07
C GLY D 170 -16.61 10.95 -39.11
N HIS D 171 -17.87 10.72 -38.74
CA HIS D 171 -18.98 10.88 -39.66
C HIS D 171 -19.96 11.89 -39.09
N LEU D 172 -19.56 13.17 -39.10
CA LEU D 172 -20.35 14.21 -38.48
C LEU D 172 -21.21 14.90 -39.53
N THR D 173 -22.53 14.95 -39.29
CA THR D 173 -23.48 15.56 -40.20
C THR D 173 -24.29 16.60 -39.42
N ASP D 174 -24.25 17.87 -39.85
CA ASP D 174 -24.87 18.99 -39.16
C ASP D 174 -24.16 19.19 -37.82
N PRO D 175 -24.18 20.41 -37.25
CA PRO D 175 -23.70 20.61 -35.89
C PRO D 175 -24.84 20.31 -34.92
N SER D 176 -26.05 20.11 -35.44
CA SER D 176 -27.25 20.06 -34.63
C SER D 176 -27.30 18.79 -33.78
N GLN D 177 -26.90 17.66 -34.37
CA GLN D 177 -27.06 16.37 -33.70
C GLN D 177 -25.80 15.95 -32.93
N LEU D 178 -24.79 16.81 -32.90
CA LEU D 178 -23.54 16.43 -32.23
C LEU D 178 -23.82 16.17 -30.76
N GLY D 179 -24.66 17.00 -30.15
CA GLY D 179 -24.95 16.86 -28.73
C GLY D 179 -25.57 15.50 -28.39
N PRO D 180 -26.70 15.13 -29.01
CA PRO D 180 -27.38 13.89 -28.65
C PRO D 180 -26.51 12.66 -28.87
N SER D 181 -25.72 12.66 -29.96
CA SER D 181 -24.88 11.52 -30.29
C SER D 181 -23.83 11.28 -29.21
N ILE D 182 -23.16 12.32 -28.72
CA ILE D 182 -22.13 12.16 -27.72
C ILE D 182 -22.73 11.58 -26.45
N ALA D 183 -23.94 11.99 -26.09
CA ALA D 183 -24.59 11.46 -24.90
C ALA D 183 -24.76 9.94 -24.97
N VAL D 184 -25.32 9.42 -26.06
CA VAL D 184 -25.55 7.99 -26.15
C VAL D 184 -24.21 7.25 -26.10
N ALA D 185 -23.11 7.98 -26.35
CA ALA D 185 -21.77 7.40 -26.34
C ALA D 185 -21.22 7.30 -24.92
N PHE D 186 -21.51 8.24 -24.02
CA PHE D 186 -21.04 8.21 -22.65
C PHE D 186 -21.63 7.09 -21.78
N ILE D 187 -22.69 6.42 -22.22
CA ILE D 187 -23.28 5.34 -21.45
C ILE D 187 -22.30 4.20 -21.18
N ALA D 188 -21.36 3.91 -22.09
CA ALA D 188 -20.38 2.88 -21.78
C ALA D 188 -19.70 3.19 -20.44
N THR D 189 -19.29 4.46 -20.23
CA THR D 189 -18.57 4.82 -19.02
C THR D 189 -19.46 4.65 -17.80
N LEU D 190 -20.73 5.05 -17.93
CA LEU D 190 -21.63 4.95 -16.79
C LEU D 190 -21.89 3.49 -16.42
N TYR D 191 -22.06 2.59 -17.40
CA TYR D 191 -22.15 1.17 -17.15
C TYR D 191 -20.90 0.61 -16.47
N GLY D 192 -19.73 1.04 -16.92
CA GLY D 192 -18.50 0.49 -16.40
C GLY D 192 -18.27 0.86 -14.94
N VAL D 193 -18.21 2.15 -14.68
CA VAL D 193 -17.89 2.62 -13.33
C VAL D 193 -18.95 2.18 -12.34
N ALA D 194 -20.22 2.20 -12.77
CA ALA D 194 -21.28 1.81 -11.85
C ALA D 194 -21.21 0.32 -11.55
N SER D 195 -20.92 -0.51 -12.56
CA SER D 195 -20.81 -1.94 -12.37
C SER D 195 -19.71 -2.30 -11.35
N ALA D 196 -18.57 -1.63 -11.48
CA ALA D 196 -17.45 -1.90 -10.61
C ALA D 196 -17.77 -1.51 -9.17
N ASN D 197 -18.37 -0.34 -8.95
CA ASN D 197 -18.53 0.15 -7.60
C ASN D 197 -19.90 -0.19 -7.01
N LEU D 198 -20.71 -1.01 -7.68
CA LEU D 198 -21.96 -1.44 -7.09
C LEU D 198 -22.17 -2.95 -7.19
N ILE D 199 -21.30 -3.69 -7.87
CA ILE D 199 -21.52 -5.12 -8.08
C ILE D 199 -20.22 -5.85 -7.82
N PHE D 200 -19.21 -5.68 -8.68
CA PHE D 200 -18.01 -6.48 -8.58
C PHE D 200 -17.20 -6.18 -7.32
N LEU D 201 -16.85 -4.93 -7.08
CA LEU D 201 -16.00 -4.60 -5.94
C LEU D 201 -16.77 -4.77 -4.63
N PRO D 202 -18.05 -4.39 -4.54
CA PRO D 202 -18.85 -4.72 -3.36
C PRO D 202 -18.94 -6.20 -3.05
N ILE D 203 -19.12 -7.10 -4.02
CA ILE D 203 -19.11 -8.53 -3.70
C ILE D 203 -17.75 -8.95 -3.17
N ALA D 204 -16.70 -8.59 -3.89
CA ALA D 204 -15.37 -8.97 -3.47
C ALA D 204 -15.21 -8.74 -1.97
N SER D 205 -15.72 -7.60 -1.48
CA SER D 205 -15.68 -7.30 -0.06
C SER D 205 -16.44 -8.32 0.76
N LYS D 206 -17.62 -8.75 0.31
CA LYS D 206 -18.42 -9.60 1.16
C LYS D 206 -17.86 -11.02 1.24
N ILE D 207 -17.29 -11.53 0.14
CA ILE D 207 -16.58 -12.82 0.14
C ILE D 207 -15.51 -12.79 1.21
N ARG D 208 -14.66 -11.75 1.19
CA ARG D 208 -13.55 -11.70 2.11
C ARG D 208 -14.03 -11.49 3.55
N ALA D 209 -15.09 -10.71 3.75
CA ALA D 209 -15.65 -10.49 5.07
C ALA D 209 -16.31 -11.73 5.68
N LYS D 210 -16.89 -12.62 4.86
CA LYS D 210 -17.37 -13.88 5.41
C LYS D 210 -16.23 -14.86 5.62
N SER D 211 -15.17 -14.84 4.81
CA SER D 211 -14.04 -15.74 5.04
C SER D 211 -13.39 -15.50 6.39
N ALA D 212 -13.22 -14.23 6.78
CA ALA D 212 -12.60 -13.92 8.04
C ALA D 212 -13.47 -14.25 9.24
N GLU D 213 -14.72 -14.64 9.05
CA GLU D 213 -15.60 -15.10 10.10
C GLU D 213 -15.59 -16.63 10.19
N GLU D 214 -15.38 -17.30 9.05
CA GLU D 214 -15.31 -18.76 9.03
C GLU D 214 -13.97 -19.25 9.54
N ILE D 215 -12.88 -18.63 9.09
CA ILE D 215 -11.54 -18.95 9.56
C ILE D 215 -11.43 -18.76 11.07
N LEU D 216 -12.09 -17.73 11.60
CA LEU D 216 -12.06 -17.42 13.03
C LEU D 216 -12.67 -18.58 13.80
N VAL D 217 -13.76 -19.17 13.32
CA VAL D 217 -14.31 -20.33 14.00
C VAL D 217 -13.33 -21.49 13.95
N MET D 218 -12.67 -21.74 12.82
CA MET D 218 -11.73 -22.85 12.74
C MET D 218 -10.57 -22.65 13.73
N GLU D 219 -10.04 -21.42 13.85
CA GLU D 219 -8.98 -21.16 14.80
C GLU D 219 -9.43 -21.41 16.24
N MET D 220 -10.69 -21.15 16.55
CA MET D 220 -11.19 -21.45 17.87
C MET D 220 -11.14 -22.95 18.15
N ILE D 221 -11.56 -23.80 17.19
CA ILE D 221 -11.56 -25.24 17.41
C ILE D 221 -10.14 -25.73 17.64
N LEU D 222 -9.16 -25.19 16.88
CA LEU D 222 -7.78 -25.54 17.10
C LEU D 222 -7.41 -25.22 18.54
N GLU D 223 -8.08 -24.20 19.10
CA GLU D 223 -7.89 -23.87 20.50
C GLU D 223 -8.49 -24.97 21.38
N GLY D 224 -9.68 -25.43 21.00
CA GLY D 224 -10.36 -26.50 21.70
C GLY D 224 -9.57 -27.80 21.67
N VAL D 225 -9.17 -28.24 20.47
CA VAL D 225 -8.52 -29.52 20.29
C VAL D 225 -7.18 -29.53 21.04
N LEU D 226 -6.39 -28.45 20.98
CA LEU D 226 -5.11 -28.51 21.66
C LEU D 226 -5.31 -28.47 23.16
N SER D 227 -6.21 -27.62 23.64
CA SER D 227 -6.42 -27.50 25.09
C SER D 227 -6.84 -28.84 25.72
N VAL D 228 -7.82 -29.53 25.10
CA VAL D 228 -8.26 -30.82 25.61
C VAL D 228 -7.06 -31.75 25.78
N GLN D 229 -6.17 -31.79 24.77
CA GLN D 229 -4.99 -32.65 24.84
C GLN D 229 -4.04 -32.24 25.96
N ASN D 230 -3.96 -30.92 26.25
CA ASN D 230 -3.20 -30.44 27.39
C ASN D 230 -3.92 -30.75 28.71
N GLY D 231 -5.20 -31.12 28.65
CA GLY D 231 -6.01 -31.49 29.81
C GLY D 231 -6.17 -30.33 30.79
N ASP D 232 -6.40 -29.13 30.24
CA ASP D 232 -6.56 -27.94 31.07
C ASP D 232 -7.90 -28.01 31.82
N ASN D 233 -8.04 -27.24 32.90
CA ASN D 233 -9.26 -27.19 33.70
C ASN D 233 -10.41 -26.58 32.87
N ALA D 234 -11.65 -26.98 33.19
CA ALA D 234 -12.82 -26.60 32.41
C ALA D 234 -13.01 -25.08 32.39
N LEU D 235 -12.82 -24.41 33.55
CA LEU D 235 -13.12 -22.99 33.67
C LEU D 235 -12.22 -22.15 32.77
N LEU D 236 -10.93 -22.51 32.71
CA LEU D 236 -9.99 -21.89 31.80
C LEU D 236 -10.39 -22.13 30.33
N VAL D 237 -10.95 -23.32 30.04
CA VAL D 237 -11.36 -23.67 28.69
C VAL D 237 -12.36 -22.65 28.17
N ARG D 238 -13.35 -22.27 28.99
CA ARG D 238 -14.36 -21.34 28.53
C ARG D 238 -13.76 -19.94 28.39
N LYS D 239 -12.75 -19.60 29.18
CA LYS D 239 -12.07 -18.30 29.09
C LYS D 239 -11.25 -18.20 27.80
N LYS D 240 -10.51 -19.26 27.42
CA LYS D 240 -9.78 -19.27 26.16
C LYS D 240 -10.75 -19.20 24.98
N LEU D 241 -11.79 -20.05 24.96
CA LEU D 241 -12.69 -20.13 23.82
C LEU D 241 -13.51 -18.86 23.70
N ASN D 242 -14.11 -18.33 24.78
CA ASN D 242 -14.96 -17.16 24.66
C ASN D 242 -14.23 -15.94 24.09
N THR D 243 -12.89 -15.93 24.11
CA THR D 243 -12.07 -14.87 23.54
C THR D 243 -12.34 -14.71 22.04
N TYR D 244 -12.71 -15.80 21.37
CA TYR D 244 -12.98 -15.80 19.94
C TYR D 244 -14.44 -15.47 19.60
N ILE D 245 -15.30 -15.24 20.60
CA ILE D 245 -16.74 -15.14 20.38
C ILE D 245 -17.21 -13.71 20.64
N THR D 246 -17.93 -13.14 19.66
CA THR D 246 -18.40 -11.76 19.73
C THR D 246 -19.80 -11.64 20.37
N MET E 1 17.75 27.09 10.65
CA MET E 1 17.06 25.97 9.95
C MET E 1 18.07 25.04 9.33
N ASP E 2 17.58 23.84 9.02
CA ASP E 2 18.30 22.84 8.24
C ASP E 2 18.62 23.41 6.86
N ILE E 3 19.90 23.37 6.45
CA ILE E 3 20.41 24.06 5.27
C ILE E 3 19.70 23.62 3.98
N ALA E 4 19.33 22.33 3.85
CA ALA E 4 18.63 21.85 2.67
C ALA E 4 17.23 22.45 2.56
N THR E 5 16.55 22.67 3.69
CA THR E 5 15.25 23.30 3.69
C THR E 5 15.35 24.76 3.31
N LEU E 6 16.39 25.47 3.76
CA LEU E 6 16.57 26.87 3.42
C LEU E 6 16.82 27.05 1.92
N ILE E 7 17.72 26.26 1.32
CA ILE E 7 17.95 26.28 -0.12
C ILE E 7 16.67 25.87 -0.87
N GLY E 8 15.96 24.86 -0.35
CA GLY E 8 14.75 24.32 -0.94
C GLY E 8 13.63 25.35 -1.03
N LEU E 9 13.35 26.08 0.07
CA LEU E 9 12.28 27.07 0.09
C LEU E 9 12.57 28.27 -0.79
N ILE E 10 13.85 28.68 -0.88
CA ILE E 10 14.26 29.74 -1.79
C ILE E 10 14.04 29.28 -3.23
N ALA E 11 14.46 28.06 -3.57
CA ALA E 11 14.26 27.50 -4.90
C ALA E 11 12.77 27.40 -5.22
N GLY E 12 11.95 27.03 -4.23
CA GLY E 12 10.51 26.84 -4.40
C GLY E 12 9.80 28.13 -4.75
N ALA E 13 10.11 29.19 -4.00
CA ALA E 13 9.53 30.51 -4.23
C ALA E 13 10.02 31.11 -5.54
N VAL E 14 11.32 31.01 -5.84
CA VAL E 14 11.86 31.55 -7.09
C VAL E 14 11.29 30.80 -8.30
N ALA E 15 11.06 29.49 -8.21
CA ALA E 15 10.53 28.73 -9.34
C ALA E 15 9.07 29.09 -9.62
N ILE E 16 8.22 29.04 -8.59
CA ILE E 16 6.81 29.38 -8.71
C ILE E 16 6.59 30.83 -9.16
N ILE E 17 7.18 31.79 -8.45
CA ILE E 17 6.97 33.20 -8.73
C ILE E 17 7.74 33.60 -9.99
N GLY E 18 8.97 33.14 -10.17
CA GLY E 18 9.77 33.49 -11.35
C GLY E 18 9.11 33.03 -12.65
N GLY E 19 8.50 31.83 -12.61
CA GLY E 19 7.72 31.31 -13.73
C GLY E 19 6.46 32.12 -13.99
N PHE E 20 5.71 32.43 -12.94
CA PHE E 20 4.46 33.16 -13.03
C PHE E 20 4.67 34.59 -13.57
N LEU E 21 5.79 35.23 -13.19
CA LEU E 21 6.11 36.58 -13.68
C LEU E 21 6.59 36.55 -15.13
N TRP E 22 7.41 35.54 -15.50
CA TRP E 22 8.07 35.52 -16.79
C TRP E 22 7.06 35.38 -17.93
N GLU E 23 5.95 34.63 -17.70
CA GLU E 23 4.89 34.49 -18.69
C GLU E 23 3.86 35.61 -18.59
N GLY E 24 4.12 36.67 -17.80
CA GLY E 24 3.24 37.82 -17.73
C GLY E 24 2.19 37.64 -16.64
N GLY E 25 2.15 38.60 -15.71
CA GLY E 25 1.36 38.49 -14.50
C GLY E 25 1.92 39.38 -13.40
N GLN E 26 1.06 39.72 -12.41
CA GLN E 26 1.48 40.49 -11.26
C GLN E 26 0.96 39.81 -9.98
N ILE E 27 1.77 39.87 -8.92
CA ILE E 27 1.62 39.01 -7.76
C ILE E 27 0.30 39.30 -7.03
N THR E 28 -0.14 40.56 -7.07
CA THR E 28 -1.35 40.99 -6.38
C THR E 28 -2.60 40.36 -6.96
N GLY E 29 -2.53 39.78 -8.16
CA GLY E 29 -3.64 39.05 -8.75
C GLY E 29 -3.71 37.58 -8.33
N LEU E 30 -2.64 37.06 -7.69
CA LEU E 30 -2.54 35.67 -7.31
C LEU E 30 -3.01 35.41 -5.87
N PHE E 31 -3.37 36.49 -5.15
CA PHE E 31 -3.86 36.38 -3.77
C PHE E 31 -5.36 36.63 -3.74
N GLN E 32 -6.10 35.68 -3.16
CA GLN E 32 -7.55 35.72 -3.10
C GLN E 32 -8.06 35.32 -1.70
N GLY E 33 -9.05 36.07 -1.20
CA GLY E 33 -9.51 35.91 0.17
C GLY E 33 -10.24 34.59 0.42
N THR E 34 -11.36 34.41 -0.29
CA THR E 34 -12.27 33.31 -0.05
C THR E 34 -11.62 31.97 -0.35
N ALA E 35 -10.72 31.95 -1.35
CA ALA E 35 -10.03 30.72 -1.75
C ALA E 35 -9.08 30.27 -0.65
N ALA E 36 -8.35 31.19 -0.02
CA ALA E 36 -7.47 30.85 1.08
C ALA E 36 -8.27 30.38 2.30
N LEU E 37 -9.38 31.05 2.61
CA LEU E 37 -10.18 30.67 3.76
C LEU E 37 -10.81 29.28 3.58
N ILE E 38 -11.28 28.92 2.39
CA ILE E 38 -11.86 27.60 2.18
C ILE E 38 -10.79 26.53 2.24
N VAL E 39 -9.65 26.70 1.56
CA VAL E 39 -8.67 25.62 1.44
C VAL E 39 -7.97 25.34 2.77
N PHE E 40 -7.51 26.39 3.45
CA PHE E 40 -6.81 26.20 4.71
C PHE E 40 -7.80 25.95 5.85
N GLY E 41 -8.93 26.64 5.84
CA GLY E 41 -9.94 26.38 6.84
C GLY E 41 -10.48 24.96 6.76
N GLY E 42 -10.72 24.48 5.56
CA GLY E 42 -11.19 23.12 5.39
C GLY E 42 -10.14 22.09 5.77
N THR E 43 -8.86 22.34 5.42
CA THR E 43 -7.78 21.44 5.81
C THR E 43 -7.66 21.34 7.34
N ILE E 44 -7.67 22.47 8.03
CA ILE E 44 -7.60 22.50 9.48
C ILE E 44 -8.80 21.77 10.08
N ALA E 45 -9.99 21.95 9.52
CA ALA E 45 -11.18 21.29 10.02
C ALA E 45 -11.05 19.78 9.86
N ALA E 46 -10.63 19.30 8.69
CA ALA E 46 -10.48 17.88 8.46
C ALA E 46 -9.42 17.26 9.40
N VAL E 47 -8.29 17.94 9.64
CA VAL E 47 -7.29 17.43 10.58
C VAL E 47 -7.76 17.47 12.04
N LEU E 48 -8.41 18.54 12.50
CA LEU E 48 -8.96 18.58 13.85
C LEU E 48 -9.98 17.47 14.07
N ILE E 49 -10.83 17.15 13.09
CA ILE E 49 -11.78 16.05 13.24
C ILE E 49 -11.03 14.72 13.32
N SER E 50 -9.87 14.61 12.65
CA SER E 50 -9.20 13.34 12.43
C SER E 50 -8.38 12.86 13.64
N TYR E 51 -8.07 13.75 14.60
CA TYR E 51 -7.16 13.40 15.71
C TYR E 51 -7.63 13.97 17.03
N PRO E 52 -7.38 13.27 18.14
CA PRO E 52 -7.65 13.83 19.46
C PRO E 52 -6.82 15.07 19.72
N MET E 53 -7.29 15.95 20.60
CA MET E 53 -6.65 17.23 20.78
C MET E 53 -5.24 17.08 21.38
N HIS E 54 -5.01 16.05 22.20
CA HIS E 54 -3.69 15.82 22.76
C HIS E 54 -2.61 15.54 21.72
N ARG E 55 -2.99 15.08 20.51
CA ARG E 55 -2.06 14.90 19.41
C ARG E 55 -1.72 16.24 18.78
N ILE E 56 -2.73 17.07 18.54
CA ILE E 56 -2.56 18.32 17.84
C ILE E 56 -1.66 19.26 18.63
N ARG E 57 -1.66 19.19 19.96
CA ARG E 57 -0.80 20.04 20.77
C ARG E 57 0.68 19.64 20.67
N THR E 58 1.00 18.51 20.04
CA THR E 58 2.40 18.10 19.85
C THR E 58 3.01 18.60 18.55
N LEU E 59 2.21 19.26 17.70
CA LEU E 59 2.62 19.60 16.35
C LEU E 59 3.89 20.46 16.31
N PRO E 60 4.11 21.43 17.22
CA PRO E 60 5.38 22.15 17.29
C PRO E 60 6.62 21.26 17.39
N ALA E 61 6.54 20.15 18.13
CA ALA E 61 7.68 19.26 18.31
C ALA E 61 7.98 18.50 17.02
N GLY E 62 6.97 18.29 16.17
CA GLY E 62 7.15 17.78 14.81
C GLY E 62 8.08 18.66 13.99
N ILE E 63 7.86 19.96 14.01
CA ILE E 63 8.68 20.90 13.28
C ILE E 63 10.08 20.98 13.91
N LYS E 64 10.16 20.95 15.25
CA LYS E 64 11.46 21.01 15.92
C LYS E 64 12.32 19.80 15.58
N LEU E 65 11.71 18.63 15.34
CA LEU E 65 12.44 17.46 14.85
C LEU E 65 12.81 17.62 13.38
N ALA E 66 11.87 18.09 12.56
CA ALA E 66 12.04 18.18 11.12
C ALA E 66 13.21 19.09 10.76
N PHE E 67 13.34 20.26 11.41
CA PHE E 67 14.36 21.23 11.02
C PHE E 67 15.50 21.34 12.06
N LYS E 68 15.74 20.26 12.82
CA LYS E 68 16.89 20.14 13.69
C LYS E 68 18.16 20.04 12.83
N PRO E 69 19.18 20.92 13.02
CA PRO E 69 20.45 20.75 12.30
C PRO E 69 21.24 19.55 12.81
N ASN E 70 21.90 18.81 11.91
CA ASN E 70 22.42 17.49 12.21
C ASN E 70 23.75 17.56 12.95
N ARG E 71 23.69 17.72 14.28
CA ARG E 71 24.87 17.70 15.14
C ARG E 71 25.41 16.27 15.30
N SER E 72 24.53 15.26 15.18
CA SER E 72 24.67 13.98 15.86
C SER E 72 26.09 13.37 15.79
N GLU E 73 26.71 13.23 16.96
CA GLU E 73 28.13 12.92 17.09
C GLU E 73 28.31 11.42 17.33
N VAL E 74 27.63 10.62 16.52
CA VAL E 74 27.69 9.18 16.69
C VAL E 74 29.14 8.69 16.61
N ASN E 75 29.98 9.31 15.78
CA ASN E 75 31.39 8.97 15.66
C ASN E 75 32.18 9.19 16.96
N GLU E 76 31.70 10.12 17.82
CA GLU E 76 32.33 10.39 19.10
C GLU E 76 31.88 9.37 20.15
N TRP E 77 30.58 9.07 20.21
CA TRP E 77 30.04 8.09 21.15
C TRP E 77 30.57 6.69 20.87
N LEU E 78 30.93 6.37 19.63
CA LEU E 78 31.54 5.10 19.31
C LEU E 78 32.84 4.89 20.09
N GLU E 79 33.66 5.92 20.25
CA GLU E 79 34.89 5.82 21.01
C GLU E 79 34.62 5.63 22.50
N ASP E 80 33.54 6.20 23.03
CA ASP E 80 33.11 5.96 24.39
C ASP E 80 32.68 4.50 24.56
N ILE E 81 31.84 3.99 23.68
CA ILE E 81 31.30 2.64 23.80
C ILE E 81 32.41 1.61 23.70
N VAL E 82 33.38 1.82 22.81
CA VAL E 82 34.54 0.95 22.75
C VAL E 82 35.36 1.06 24.04
N GLU E 83 35.65 2.28 24.51
CA GLU E 83 36.49 2.44 25.69
C GLU E 83 35.86 1.79 26.92
N MET E 84 34.55 1.92 27.11
CA MET E 84 33.87 1.33 28.24
C MET E 84 34.04 -0.19 28.26
N SER E 85 34.05 -0.84 27.11
CA SER E 85 34.29 -2.27 27.04
C SER E 85 35.67 -2.62 27.60
N MET E 86 36.68 -1.79 27.35
CA MET E 86 38.01 -2.03 27.86
C MET E 86 38.04 -1.93 29.38
N VAL E 87 37.25 -1.02 29.98
CA VAL E 87 37.19 -0.87 31.43
C VAL E 87 36.63 -2.15 32.08
N ALA E 88 35.54 -2.70 31.53
CA ALA E 88 35.01 -3.98 32.00
C ALA E 88 36.02 -5.12 31.87
N ARG E 89 36.82 -5.14 30.79
CA ARG E 89 37.79 -6.19 30.52
C ARG E 89 38.97 -6.15 31.50
N ARG E 90 39.49 -4.95 31.80
CA ARG E 90 40.69 -4.81 32.62
C ARG E 90 40.37 -4.73 34.11
N GLU E 91 39.21 -4.18 34.50
CA GLU E 91 38.96 -3.80 35.89
C GLU E 91 37.65 -4.38 36.45
N GLY E 92 36.93 -5.16 35.64
CA GLY E 92 35.64 -5.72 36.03
C GLY E 92 34.50 -4.71 35.89
N VAL E 93 33.26 -5.22 35.87
CA VAL E 93 32.10 -4.40 35.53
C VAL E 93 31.89 -3.27 36.54
N LEU E 94 32.33 -3.47 37.78
CA LEU E 94 32.05 -2.50 38.83
C LEU E 94 32.80 -1.18 38.59
N ALA E 95 33.85 -1.17 37.77
CA ALA E 95 34.57 0.04 37.42
C ALA E 95 33.81 0.88 36.38
N LEU E 96 32.79 0.32 35.70
CA LEU E 96 32.05 1.03 34.68
C LEU E 96 31.32 2.26 35.23
N GLU E 97 30.89 2.19 36.50
CA GLU E 97 30.11 3.25 37.13
C GLU E 97 30.82 4.60 37.03
N GLN E 98 32.12 4.61 37.29
CA GLN E 98 32.92 5.83 37.33
C GLN E 98 33.02 6.47 35.94
N LYS E 99 32.96 5.68 34.87
CA LYS E 99 33.06 6.16 33.50
C LYS E 99 31.77 6.82 33.03
N VAL E 100 30.64 6.61 33.72
CA VAL E 100 29.33 6.96 33.19
C VAL E 100 28.49 7.71 34.24
N LEU E 101 29.17 8.39 35.18
CA LEU E 101 28.51 9.20 36.19
C LEU E 101 27.66 10.31 35.54
N ASP E 102 28.10 10.80 34.37
CA ASP E 102 27.71 12.11 33.86
C ASP E 102 27.54 12.10 32.34
N HIS E 103 27.38 10.93 31.71
CA HIS E 103 27.42 10.89 30.25
C HIS E 103 26.17 11.59 29.67
N PRO E 104 26.32 12.47 28.63
CA PRO E 104 25.18 13.17 28.04
C PRO E 104 24.04 12.31 27.52
N ASN E 105 24.34 11.08 27.09
CA ASN E 105 23.34 10.23 26.48
C ASN E 105 22.64 9.38 27.56
N ILE E 106 21.38 9.70 27.88
CA ILE E 106 20.70 9.04 28.98
C ILE E 106 20.42 7.57 28.65
N PHE E 107 20.17 7.27 27.38
CA PHE E 107 19.91 5.90 26.96
C PHE E 107 21.12 5.00 27.20
N LEU E 108 22.32 5.52 26.95
CA LEU E 108 23.55 4.80 27.29
C LEU E 108 23.66 4.63 28.81
N ARG E 109 23.37 5.69 29.58
CA ARG E 109 23.51 5.62 31.02
C ARG E 109 22.61 4.53 31.59
N GLU E 110 21.34 4.52 31.21
CA GLU E 110 20.37 3.55 31.74
C GLU E 110 20.78 2.14 31.34
N GLY E 111 21.20 1.96 30.08
CA GLY E 111 21.65 0.66 29.62
C GLY E 111 22.80 0.10 30.45
N ILE E 112 23.84 0.90 30.67
CA ILE E 112 24.99 0.47 31.46
C ILE E 112 24.55 0.19 32.90
N GLN E 113 23.67 1.03 33.45
CA GLN E 113 23.26 0.88 34.84
C GLN E 113 22.54 -0.46 35.04
N LEU E 114 21.73 -0.89 34.08
CA LEU E 114 21.10 -2.22 34.14
C LEU E 114 22.12 -3.34 34.09
N VAL E 115 23.24 -3.16 33.37
CA VAL E 115 24.25 -4.20 33.23
C VAL E 115 25.12 -4.32 34.49
N VAL E 116 25.49 -3.18 35.11
CA VAL E 116 26.32 -3.27 36.31
C VAL E 116 25.51 -3.84 37.47
N ASP E 117 24.18 -3.58 37.53
CA ASP E 117 23.29 -4.24 38.48
C ASP E 117 23.05 -5.72 38.17
N GLY E 118 23.62 -6.24 37.09
CA GLY E 118 23.75 -7.69 36.88
C GLY E 118 22.47 -8.35 36.35
N THR E 119 21.61 -7.57 35.68
CA THR E 119 20.41 -8.10 35.07
C THR E 119 20.76 -9.05 33.91
N ASP E 120 19.88 -10.04 33.68
CA ASP E 120 20.09 -11.07 32.69
C ASP E 120 20.02 -10.49 31.28
N GLN E 121 20.77 -11.09 30.33
CA GLN E 121 20.87 -10.53 28.99
C GLN E 121 19.51 -10.45 28.28
N PRO E 122 18.64 -11.48 28.26
CA PRO E 122 17.31 -11.37 27.66
C PRO E 122 16.41 -10.32 28.30
N ILE E 123 16.67 -10.00 29.59
CA ILE E 123 15.94 -8.95 30.28
C ILE E 123 16.45 -7.56 29.89
N VAL E 124 17.79 -7.37 29.79
CA VAL E 124 18.30 -6.06 29.42
C VAL E 124 17.95 -5.73 27.96
N ARG E 125 17.95 -6.73 27.07
CA ARG E 125 17.45 -6.50 25.72
C ARG E 125 15.98 -6.08 25.76
N GLN E 126 15.13 -6.78 26.54
CA GLN E 126 13.70 -6.45 26.56
C GLN E 126 13.47 -5.02 27.06
N ILE E 127 14.10 -4.64 28.18
CA ILE E 127 13.80 -3.36 28.81
C ILE E 127 14.30 -2.21 27.92
N MET E 128 15.41 -2.40 27.19
CA MET E 128 15.92 -1.34 26.32
C MET E 128 15.16 -1.26 25.00
N GLU E 129 14.74 -2.39 24.43
CA GLU E 129 14.02 -2.31 23.17
C GLU E 129 12.67 -1.60 23.32
N LEU E 130 12.04 -1.62 24.51
CA LEU E 130 10.83 -0.86 24.77
C LEU E 130 11.02 0.65 24.57
N ASP E 131 12.19 1.16 24.91
CA ASP E 131 12.47 2.57 24.78
C ASP E 131 12.60 2.96 23.31
N ILE E 132 13.28 2.12 22.54
CA ILE E 132 13.43 2.35 21.11
C ILE E 132 12.07 2.27 20.44
N ASP E 133 11.24 1.28 20.78
CA ASP E 133 9.93 1.18 20.18
C ASP E 133 9.06 2.38 20.54
N ALA E 134 9.17 2.90 21.75
CA ALA E 134 8.43 4.11 22.12
C ALA E 134 8.87 5.35 21.34
N LYS E 135 10.19 5.49 21.08
CA LYS E 135 10.69 6.61 20.28
C LYS E 135 10.24 6.46 18.82
N GLU E 136 10.26 5.25 18.26
CA GLU E 136 9.84 5.05 16.89
C GLU E 136 8.36 5.36 16.74
N GLN E 137 7.53 4.96 17.70
CA GLN E 137 6.10 5.21 17.65
C GLN E 137 5.78 6.70 17.81
N GLU E 138 6.54 7.41 18.65
CA GLU E 138 6.34 8.83 18.84
C GLU E 138 6.58 9.60 17.54
N HIS E 139 7.65 9.27 16.80
CA HIS E 139 7.93 9.99 15.56
C HIS E 139 6.96 9.63 14.45
N ASP E 140 6.49 8.39 14.36
CA ASP E 140 5.44 8.06 13.39
C ASP E 140 4.18 8.88 13.69
N ASN E 141 3.80 9.03 14.94
CA ASN E 141 2.62 9.77 15.30
C ASN E 141 2.76 11.26 14.99
N TYR E 142 3.99 11.81 14.89
CA TYR E 142 4.17 13.17 14.42
C TYR E 142 3.92 13.25 12.93
N ALA E 143 4.50 12.33 12.18
CA ALA E 143 4.42 12.40 10.73
C ALA E 143 3.00 12.25 10.21
N LYS E 144 2.12 11.44 10.82
CA LYS E 144 0.80 11.24 10.25
C LYS E 144 -0.05 12.52 10.20
N LEU E 145 0.18 13.48 11.09
CA LEU E 145 -0.51 14.75 10.99
C LEU E 145 -0.17 15.46 9.68
N PHE E 146 1.10 15.48 9.29
CA PHE E 146 1.51 16.10 8.06
C PHE E 146 1.11 15.28 6.84
N GLU E 147 1.18 13.97 6.91
CA GLU E 147 0.69 13.16 5.80
C GLU E 147 -0.81 13.39 5.57
N SER E 148 -1.62 13.47 6.63
CA SER E 148 -3.06 13.67 6.49
C SER E 148 -3.42 15.10 6.12
N ALA E 149 -2.69 16.10 6.61
CA ALA E 149 -2.85 17.45 6.08
C ALA E 149 -2.58 17.49 4.58
N GLY E 150 -1.59 16.74 4.13
CA GLY E 150 -1.25 16.70 2.73
C GLY E 150 -2.25 15.95 1.87
N SER E 151 -3.03 15.05 2.43
CA SER E 151 -4.02 14.34 1.62
C SER E 151 -5.36 15.07 1.61
N TYR E 152 -5.63 15.94 2.59
CA TYR E 152 -6.87 16.70 2.56
C TYR E 152 -6.74 17.97 1.71
N ALA E 153 -5.58 18.63 1.71
CA ALA E 153 -5.53 19.98 1.13
C ALA E 153 -5.87 20.01 -0.37
N PRO E 154 -5.40 19.07 -1.20
CA PRO E 154 -5.80 19.06 -2.60
C PRO E 154 -7.31 18.96 -2.78
N THR E 155 -7.99 18.13 -1.98
CA THR E 155 -9.42 17.96 -2.16
C THR E 155 -10.20 19.16 -1.68
N MET E 156 -9.71 19.87 -0.67
CA MET E 156 -10.29 21.14 -0.33
C MET E 156 -10.11 22.14 -1.45
N GLY E 157 -9.00 22.07 -2.18
CA GLY E 157 -8.83 22.86 -3.40
C GLY E 157 -9.98 22.72 -4.41
N ILE E 158 -10.40 21.49 -4.66
CA ILE E 158 -11.49 21.22 -5.57
C ILE E 158 -12.77 21.81 -5.01
N ILE E 159 -13.05 21.62 -3.71
CA ILE E 159 -14.28 22.15 -3.13
C ILE E 159 -14.30 23.69 -3.25
N GLY E 160 -13.19 24.35 -2.94
CA GLY E 160 -13.08 25.79 -3.13
C GLY E 160 -13.26 26.23 -4.58
N THR E 161 -12.81 25.41 -5.53
CA THR E 161 -13.00 25.70 -6.95
C THR E 161 -14.47 25.64 -7.30
N VAL E 162 -15.14 24.53 -6.97
CA VAL E 162 -16.51 24.30 -7.37
C VAL E 162 -17.45 25.32 -6.73
N MET E 163 -17.21 25.71 -5.48
CA MET E 163 -18.05 26.72 -4.88
C MET E 163 -17.85 28.08 -5.56
N GLY E 164 -16.62 28.37 -6.01
CA GLY E 164 -16.33 29.56 -6.80
C GLY E 164 -17.15 29.60 -8.10
N LEU E 165 -17.13 28.50 -8.86
CA LEU E 165 -17.89 28.44 -10.09
C LEU E 165 -19.38 28.55 -9.79
N ILE E 166 -19.83 27.96 -8.68
CA ILE E 166 -21.26 27.94 -8.42
C ILE E 166 -21.74 29.37 -8.22
N GLN E 167 -20.97 30.21 -7.52
CA GLN E 167 -21.42 31.57 -7.27
C GLN E 167 -21.38 32.39 -8.57
N VAL E 168 -20.28 32.28 -9.35
CA VAL E 168 -20.12 33.05 -10.58
C VAL E 168 -21.24 32.73 -11.57
N LEU E 169 -21.49 31.45 -11.85
CA LEU E 169 -22.52 31.07 -12.79
C LEU E 169 -23.89 31.40 -12.21
N GLY E 170 -24.07 31.14 -10.92
CA GLY E 170 -25.33 31.41 -10.25
C GLY E 170 -25.81 32.84 -10.47
N HIS E 171 -25.21 33.81 -9.76
CA HIS E 171 -25.50 35.21 -9.99
C HIS E 171 -24.57 35.74 -11.08
N LEU E 172 -24.66 35.14 -12.27
CA LEU E 172 -23.77 35.48 -13.36
C LEU E 172 -23.95 36.95 -13.74
N THR E 173 -25.21 37.37 -13.88
CA THR E 173 -25.57 38.73 -14.30
C THR E 173 -24.33 39.51 -14.76
N ASP E 174 -23.83 39.18 -15.96
CA ASP E 174 -22.60 39.80 -16.45
C ASP E 174 -22.63 39.93 -17.98
N PRO E 175 -21.88 40.89 -18.55
CA PRO E 175 -21.86 41.10 -20.00
C PRO E 175 -20.79 40.30 -20.74
N SER E 176 -21.01 38.99 -20.87
CA SER E 176 -20.07 38.10 -21.56
C SER E 176 -18.62 38.46 -21.20
N GLN E 177 -18.41 38.89 -19.95
CA GLN E 177 -17.09 39.26 -19.44
C GLN E 177 -16.65 38.27 -18.34
N LEU E 178 -17.14 37.02 -18.42
CA LEU E 178 -16.97 36.05 -17.34
C LEU E 178 -15.53 35.60 -17.18
N GLY E 179 -14.68 35.78 -18.19
CA GLY E 179 -13.31 35.30 -18.14
C GLY E 179 -12.58 35.57 -16.83
N PRO E 180 -12.56 36.83 -16.35
CA PRO E 180 -11.95 37.13 -15.07
C PRO E 180 -12.62 36.41 -13.92
N SER E 181 -13.96 36.36 -13.90
CA SER E 181 -14.66 35.77 -12.75
C SER E 181 -14.39 34.27 -12.68
N ILE E 182 -14.49 33.60 -13.84
CA ILE E 182 -14.26 32.16 -13.89
C ILE E 182 -12.82 31.87 -13.49
N ALA E 183 -11.90 32.68 -13.98
CA ALA E 183 -10.48 32.44 -13.79
C ALA E 183 -10.14 32.39 -12.30
N VAL E 184 -10.64 33.36 -11.53
CA VAL E 184 -10.30 33.46 -10.13
C VAL E 184 -10.67 32.18 -9.40
N ALA E 185 -11.76 31.54 -9.81
CA ALA E 185 -12.24 30.34 -9.12
C ALA E 185 -11.22 29.20 -9.10
N PHE E 186 -10.27 29.18 -10.03
CA PHE E 186 -9.21 28.18 -10.06
C PHE E 186 -8.08 28.48 -9.07
N ILE E 187 -8.06 29.61 -8.38
CA ILE E 187 -7.02 29.86 -7.38
C ILE E 187 -7.09 28.84 -6.23
N ALA E 188 -8.29 28.35 -5.90
CA ALA E 188 -8.42 27.36 -4.85
C ALA E 188 -7.68 26.07 -5.21
N THR E 189 -7.68 25.64 -6.49
CA THR E 189 -6.93 24.45 -6.81
C THR E 189 -5.44 24.74 -6.70
N LEU E 190 -4.97 25.94 -7.05
CA LEU E 190 -3.56 26.26 -6.91
C LEU E 190 -3.11 26.20 -5.44
N TYR E 191 -3.87 26.77 -4.49
CA TYR E 191 -3.51 26.68 -3.08
C TYR E 191 -3.56 25.25 -2.55
N GLY E 192 -4.55 24.49 -2.99
CA GLY E 192 -4.67 23.10 -2.56
C GLY E 192 -3.53 22.20 -2.99
N VAL E 193 -3.02 22.37 -4.22
CA VAL E 193 -1.95 21.55 -4.73
C VAL E 193 -0.61 22.07 -4.25
N ALA E 194 -0.40 23.38 -4.25
CA ALA E 194 0.87 23.91 -3.80
C ALA E 194 1.14 23.59 -2.33
N SER E 195 0.16 23.79 -1.44
CA SER E 195 0.40 23.58 -0.03
C SER E 195 0.71 22.12 0.27
N ALA E 196 0.01 21.21 -0.39
CA ALA E 196 0.24 19.78 -0.20
C ALA E 196 1.64 19.39 -0.63
N ASN E 197 2.12 19.87 -1.79
CA ASN E 197 3.32 19.30 -2.37
C ASN E 197 4.55 20.13 -2.13
N LEU E 198 4.44 21.36 -1.58
CA LEU E 198 5.60 22.14 -1.19
C LEU E 198 5.73 22.35 0.32
N ILE E 199 4.70 21.99 1.12
CA ILE E 199 4.78 22.14 2.56
C ILE E 199 4.46 20.84 3.27
N PHE E 200 3.22 20.35 3.22
CA PHE E 200 2.79 19.27 4.07
C PHE E 200 3.50 17.95 3.76
N LEU E 201 3.54 17.50 2.50
CA LEU E 201 4.12 16.20 2.23
C LEU E 201 5.64 16.24 2.34
N PRO E 202 6.35 17.29 1.89
CA PRO E 202 7.78 17.43 2.15
C PRO E 202 8.15 17.46 3.64
N ILE E 203 7.41 18.16 4.49
CA ILE E 203 7.69 18.12 5.92
C ILE E 203 7.51 16.71 6.47
N ALA E 204 6.45 16.02 6.06
CA ALA E 204 6.24 14.66 6.52
C ALA E 204 7.44 13.79 6.17
N SER E 205 7.95 13.89 4.93
CA SER E 205 9.08 13.11 4.47
C SER E 205 10.32 13.38 5.32
N LYS E 206 10.57 14.64 5.66
CA LYS E 206 11.75 14.95 6.43
C LYS E 206 11.67 14.44 7.88
N ILE E 207 10.48 14.47 8.49
CA ILE E 207 10.28 13.88 9.81
C ILE E 207 10.64 12.41 9.80
N ARG E 208 10.15 11.66 8.82
CA ARG E 208 10.42 10.24 8.76
C ARG E 208 11.89 9.99 8.47
N ALA E 209 12.53 10.81 7.62
CA ALA E 209 13.94 10.62 7.36
C ALA E 209 14.80 10.88 8.59
N LYS E 210 14.47 11.91 9.39
CA LYS E 210 15.25 12.17 10.60
C LYS E 210 14.94 11.20 11.72
N SER E 211 13.75 10.63 11.77
CA SER E 211 13.41 9.58 12.72
C SER E 211 14.29 8.35 12.53
N ALA E 212 14.40 7.86 11.30
CA ALA E 212 15.23 6.70 11.02
C ALA E 212 16.69 6.97 11.36
N GLU E 213 17.15 8.20 11.10
CA GLU E 213 18.53 8.58 11.36
C GLU E 213 18.83 8.57 12.86
N GLU E 214 17.82 8.79 13.71
CA GLU E 214 17.96 8.81 15.16
C GLU E 214 17.83 7.41 15.75
N ILE E 215 16.88 6.60 15.25
CA ILE E 215 16.67 5.26 15.76
C ILE E 215 17.92 4.40 15.54
N LEU E 216 18.63 4.58 14.43
CA LEU E 216 19.89 3.87 14.18
C LEU E 216 20.91 4.10 15.29
N VAL E 217 21.04 5.32 15.78
CA VAL E 217 21.99 5.61 16.84
C VAL E 217 21.54 4.93 18.12
N MET E 218 20.25 4.82 18.40
CA MET E 218 19.80 4.08 19.56
C MET E 218 20.13 2.58 19.39
N GLU E 219 19.88 1.99 18.21
CA GLU E 219 20.20 0.59 17.99
C GLU E 219 21.71 0.33 18.13
N MET E 220 22.55 1.27 17.75
CA MET E 220 23.97 1.15 18.02
C MET E 220 24.26 1.08 19.53
N ILE E 221 23.64 1.97 20.31
CA ILE E 221 23.88 2.00 21.75
C ILE E 221 23.42 0.69 22.39
N LEU E 222 22.33 0.09 21.88
CA LEU E 222 21.90 -1.22 22.35
C LEU E 222 22.99 -2.27 22.13
N GLU E 223 23.55 -2.40 20.92
CA GLU E 223 24.63 -3.35 20.70
C GLU E 223 25.88 -2.98 21.50
N GLY E 224 26.06 -1.72 21.81
CA GLY E 224 27.09 -1.28 22.73
C GLY E 224 26.96 -1.86 24.14
N VAL E 225 25.77 -1.76 24.77
CA VAL E 225 25.63 -2.24 26.14
C VAL E 225 25.45 -3.75 26.22
N LEU E 226 24.93 -4.40 25.19
CA LEU E 226 24.93 -5.86 25.17
C LEU E 226 26.36 -6.38 25.04
N SER E 227 27.18 -5.78 24.19
CA SER E 227 28.52 -6.26 23.92
C SER E 227 29.41 -6.19 25.16
N VAL E 228 29.33 -5.11 25.96
CA VAL E 228 30.11 -5.02 27.18
C VAL E 228 29.68 -6.10 28.19
N GLN E 229 28.44 -6.56 28.17
CA GLN E 229 28.01 -7.61 29.07
C GLN E 229 28.61 -8.96 28.67
N ASN E 230 28.63 -9.29 27.38
CA ASN E 230 29.22 -10.55 26.92
C ASN E 230 30.75 -10.52 26.98
N GLY E 231 31.35 -9.33 26.97
CA GLY E 231 32.80 -9.20 27.09
C GLY E 231 33.51 -9.55 25.78
N ASP E 232 33.03 -8.97 24.69
CA ASP E 232 33.66 -9.12 23.38
C ASP E 232 35.03 -8.42 23.37
N ASN E 233 35.92 -8.86 22.47
CA ASN E 233 37.23 -8.22 22.30
C ASN E 233 37.06 -6.91 21.51
N ALA E 234 38.02 -5.98 21.68
CA ALA E 234 37.91 -4.61 21.18
C ALA E 234 37.72 -4.55 19.67
N LEU E 235 38.42 -5.42 18.92
CA LEU E 235 38.36 -5.43 17.47
C LEU E 235 36.96 -5.81 16.99
N LEU E 236 36.35 -6.80 17.64
CA LEU E 236 35.00 -7.22 17.28
C LEU E 236 33.98 -6.14 17.67
N VAL E 237 34.16 -5.45 18.79
CA VAL E 237 33.26 -4.35 19.16
C VAL E 237 33.33 -3.24 18.11
N ARG E 238 34.54 -2.81 17.74
CA ARG E 238 34.71 -1.78 16.74
C ARG E 238 34.16 -2.23 15.37
N LYS E 239 34.21 -3.53 15.06
CA LYS E 239 33.67 -4.07 13.82
C LYS E 239 32.15 -4.03 13.81
N LYS E 240 31.48 -4.48 14.90
CA LYS E 240 30.02 -4.56 14.96
C LYS E 240 29.40 -3.17 14.82
N LEU E 241 29.85 -2.22 15.66
CA LEU E 241 29.16 -0.95 15.79
C LEU E 241 29.28 -0.12 14.51
N ASN E 242 30.40 -0.23 13.79
CA ASN E 242 30.58 0.52 12.55
C ASN E 242 29.49 0.21 11.50
N THR E 243 28.78 -0.92 11.59
CA THR E 243 27.76 -1.23 10.60
C THR E 243 26.57 -0.27 10.70
N TYR E 244 26.42 0.43 11.83
CA TYR E 244 25.37 1.44 11.99
C TYR E 244 25.78 2.84 11.56
N ILE E 245 27.00 3.02 11.05
CA ILE E 245 27.48 4.30 10.56
C ILE E 245 27.65 4.27 9.03
N THR E 246 27.22 5.36 8.37
CA THR E 246 27.44 5.54 6.94
C THR E 246 28.84 6.12 6.66
N PRO F 3 0.80 5.43 -4.11
CA PRO F 3 0.72 6.86 -3.80
C PRO F 3 1.45 7.76 -4.80
N HIS F 4 2.07 7.18 -5.83
CA HIS F 4 2.68 7.94 -6.90
C HIS F 4 1.61 8.39 -7.89
N ASP F 5 0.34 8.14 -7.60
CA ASP F 5 -0.75 8.40 -8.51
C ASP F 5 -1.65 9.50 -7.98
N ARG F 6 -1.18 10.24 -6.96
CA ARG F 6 -2.00 11.28 -6.37
C ARG F 6 -2.47 12.26 -7.43
N TRP F 7 -1.56 12.65 -8.33
CA TRP F 7 -1.87 13.71 -9.27
C TRP F 7 -3.16 13.42 -10.07
N MET F 8 -3.30 12.19 -10.58
CA MET F 8 -4.41 11.94 -11.49
C MET F 8 -5.75 12.18 -10.78
N ILE F 9 -5.85 11.94 -9.48
CA ILE F 9 -7.15 12.05 -8.83
C ILE F 9 -7.58 13.49 -8.65
N THR F 10 -6.67 14.46 -8.82
CA THR F 10 -7.00 15.88 -8.72
C THR F 10 -7.12 16.50 -10.11
N TYR F 11 -6.11 16.22 -10.97
CA TYR F 11 -6.17 16.59 -12.38
C TYR F 11 -7.56 16.30 -12.92
N ALA F 12 -8.02 15.06 -12.73
CA ALA F 12 -9.31 14.65 -13.23
C ALA F 12 -10.30 15.74 -12.92
N ASP F 13 -10.41 16.11 -11.65
CA ASP F 13 -11.45 17.05 -11.25
C ASP F 13 -11.24 18.39 -11.97
N LEU F 14 -10.01 18.91 -11.92
CA LEU F 14 -9.74 20.19 -12.55
C LEU F 14 -10.29 20.19 -13.99
N ILE F 15 -9.84 19.23 -14.82
CA ILE F 15 -10.24 19.17 -16.21
C ILE F 15 -11.77 19.11 -16.25
N THR F 16 -12.34 18.19 -15.48
CA THR F 16 -13.77 17.99 -15.53
C THR F 16 -14.49 19.32 -15.32
N LEU F 17 -14.08 20.08 -14.29
CA LEU F 17 -14.76 21.34 -14.03
C LEU F 17 -14.71 22.26 -15.25
N LEU F 18 -13.54 22.35 -15.89
CA LEU F 18 -13.42 23.10 -17.14
C LEU F 18 -14.47 22.63 -18.16
N LEU F 19 -14.52 21.30 -18.41
CA LEU F 19 -15.39 20.78 -19.44
C LEU F 19 -16.78 21.33 -19.20
N ILE F 20 -17.35 21.05 -18.02
CA ILE F 20 -18.76 21.32 -17.82
C ILE F 20 -19.03 22.81 -18.08
N PHE F 21 -18.12 23.68 -17.63
CA PHE F 21 -18.24 25.11 -17.93
C PHE F 21 -18.22 25.35 -19.44
N PHE F 22 -17.17 24.89 -20.12
CA PHE F 22 -17.00 25.19 -21.53
C PHE F 22 -18.19 24.71 -22.35
N VAL F 23 -18.72 23.54 -22.04
CA VAL F 23 -19.90 23.06 -22.73
C VAL F 23 -20.94 24.16 -22.64
N MET F 24 -21.24 24.59 -21.42
CA MET F 24 -22.27 25.62 -21.25
C MET F 24 -21.89 26.85 -22.07
N MET F 25 -20.62 27.27 -22.01
CA MET F 25 -20.20 28.41 -22.79
C MET F 25 -20.64 28.24 -24.24
N TYR F 26 -20.17 27.16 -24.88
CA TYR F 26 -20.49 26.88 -26.28
C TYR F 26 -22.01 26.88 -26.46
N ALA F 27 -22.74 26.41 -25.45
CA ALA F 27 -24.18 26.25 -25.59
C ALA F 27 -24.82 27.58 -26.01
N MET F 28 -24.46 28.68 -25.34
CA MET F 28 -25.07 29.97 -25.64
C MET F 28 -24.31 30.68 -26.77
N SER F 29 -23.74 29.92 -27.70
CA SER F 29 -23.03 30.47 -28.86
C SER F 29 -23.52 29.80 -30.15
N ARG F 30 -23.31 30.46 -31.31
CA ARG F 30 -23.77 29.96 -32.61
C ARG F 30 -22.55 29.69 -33.50
N LEU F 31 -22.52 28.50 -34.16
CA LEU F 31 -21.36 28.09 -34.95
C LEU F 31 -21.60 28.32 -36.43
N ASP F 32 -20.78 29.20 -37.03
CA ASP F 32 -20.86 29.49 -38.46
C ASP F 32 -20.61 28.19 -39.23
N ALA F 33 -21.48 27.88 -40.20
CA ALA F 33 -21.43 26.60 -40.88
C ALA F 33 -20.08 26.43 -41.60
N SER F 34 -19.55 27.50 -42.17
CA SER F 34 -18.30 27.43 -42.91
C SER F 34 -17.22 26.74 -42.07
N LYS F 35 -17.07 27.20 -40.81
CA LYS F 35 -16.06 26.66 -39.92
C LYS F 35 -16.31 25.17 -39.69
N TYR F 36 -17.57 24.81 -39.46
CA TYR F 36 -17.92 23.44 -39.11
C TYR F 36 -17.55 22.51 -40.26
N GLU F 37 -17.88 22.94 -41.50
CA GLU F 37 -17.66 22.11 -42.67
C GLU F 37 -16.18 21.79 -42.85
N GLU F 38 -15.33 22.81 -42.77
CA GLU F 38 -13.91 22.61 -43.00
C GLU F 38 -13.37 21.53 -42.07
N VAL F 39 -13.81 21.55 -40.82
CA VAL F 39 -13.35 20.58 -39.84
C VAL F 39 -14.07 19.24 -40.03
N THR F 40 -15.39 19.25 -40.30
CA THR F 40 -16.13 18.00 -40.44
C THR F 40 -15.71 17.25 -41.71
N SER F 41 -15.59 17.95 -42.85
CA SER F 41 -15.18 17.34 -44.10
C SER F 41 -13.71 16.93 -44.02
N SER F 42 -12.86 17.77 -43.43
CA SER F 42 -11.46 17.45 -43.20
C SER F 42 -11.32 16.25 -42.27
N LEU F 43 -12.21 16.12 -41.27
CA LEU F 43 -12.13 15.06 -40.28
C LEU F 43 -12.46 13.70 -40.88
N GLN F 44 -13.62 13.60 -41.56
CA GLN F 44 -14.09 12.32 -42.09
C GLN F 44 -13.04 11.66 -42.98
N THR F 45 -12.53 12.41 -43.97
CA THR F 45 -11.61 11.86 -44.95
C THR F 45 -10.28 11.51 -44.29
N THR F 46 -9.85 12.33 -43.34
CA THR F 46 -8.60 12.09 -42.60
C THR F 46 -8.79 10.97 -41.58
N PHE F 47 -10.03 10.71 -41.15
CA PHE F 47 -10.32 9.56 -40.31
C PHE F 47 -10.08 8.26 -41.09
N GLN F 48 -9.80 8.40 -42.39
CA GLN F 48 -9.55 7.28 -43.28
C GLN F 48 -10.88 6.76 -43.82
N SER F 49 -11.98 7.48 -43.56
CA SER F 49 -13.30 7.11 -44.07
C SER F 49 -13.17 6.69 -45.54
N GLY G 1 -4.60 3.50 -1.88
CA GLY G 1 -5.85 3.39 -2.65
C GLY G 1 -6.00 2.03 -3.32
N SER G 2 -4.86 1.41 -3.66
CA SER G 2 -4.80 0.10 -4.30
C SER G 2 -5.04 0.24 -5.81
N PRO G 3 -4.69 -0.80 -6.62
CA PRO G 3 -4.65 -0.65 -8.08
C PRO G 3 -6.02 -0.55 -8.75
N HIS G 4 -7.09 -0.71 -7.96
CA HIS G 4 -8.45 -0.64 -8.47
C HIS G 4 -8.68 0.73 -9.14
N ASP G 5 -7.98 1.76 -8.66
CA ASP G 5 -8.18 3.11 -9.14
C ASP G 5 -7.26 3.39 -10.34
N ARG G 6 -6.61 2.35 -10.89
CA ARG G 6 -5.67 2.57 -11.98
C ARG G 6 -6.40 3.12 -13.20
N TRP G 7 -7.72 2.91 -13.28
CA TRP G 7 -8.51 3.42 -14.39
C TRP G 7 -8.54 4.95 -14.42
N MET G 8 -8.18 5.61 -13.33
CA MET G 8 -8.25 7.06 -13.29
C MET G 8 -7.35 7.68 -14.36
N ILE G 9 -6.13 7.17 -14.59
CA ILE G 9 -5.24 7.77 -15.60
C ILE G 9 -6.03 7.87 -16.89
N THR G 10 -6.77 6.81 -17.22
CA THR G 10 -7.51 6.70 -18.46
C THR G 10 -8.68 7.68 -18.43
N TYR G 11 -9.49 7.68 -17.38
CA TYR G 11 -10.64 8.57 -17.33
C TYR G 11 -10.20 9.99 -17.60
N ALA G 12 -9.17 10.42 -16.89
CA ALA G 12 -8.59 11.71 -17.15
C ALA G 12 -8.44 11.88 -18.66
N ASP G 13 -7.81 10.90 -19.32
CA ASP G 13 -7.56 11.01 -20.74
C ASP G 13 -8.84 11.27 -21.51
N LEU G 14 -9.89 10.48 -21.26
CA LEU G 14 -11.15 10.68 -21.96
C LEU G 14 -11.56 12.13 -21.83
N ILE G 15 -11.73 12.62 -20.60
CA ILE G 15 -12.23 14.01 -20.41
C ILE G 15 -11.25 14.97 -21.11
N THR G 16 -9.95 14.81 -20.88
CA THR G 16 -9.03 15.76 -21.49
C THR G 16 -9.31 15.87 -22.97
N LEU G 17 -9.48 14.73 -23.65
CA LEU G 17 -9.73 14.77 -25.08
C LEU G 17 -11.07 15.42 -25.39
N LEU G 18 -12.11 15.00 -24.67
CA LEU G 18 -13.40 15.64 -24.82
C LEU G 18 -13.27 17.16 -24.66
N LEU G 19 -12.47 17.60 -23.67
CA LEU G 19 -12.25 19.01 -23.44
C LEU G 19 -11.67 19.64 -24.68
N ILE G 20 -10.75 18.92 -25.34
CA ILE G 20 -10.13 19.44 -26.54
C ILE G 20 -11.24 19.75 -27.55
N PHE G 21 -12.19 18.82 -27.65
CA PHE G 21 -13.23 18.93 -28.65
C PHE G 21 -14.08 20.17 -28.37
N PHE G 22 -14.67 20.25 -27.18
CA PHE G 22 -15.62 21.33 -26.93
C PHE G 22 -14.93 22.68 -26.94
N VAL G 23 -13.77 22.79 -26.29
CA VAL G 23 -13.06 24.06 -26.35
C VAL G 23 -12.77 24.34 -27.83
N MET G 24 -12.30 23.32 -28.59
CA MET G 24 -11.99 23.54 -29.99
C MET G 24 -13.23 24.12 -30.69
N MET G 25 -14.39 23.49 -30.49
CA MET G 25 -15.59 23.91 -31.19
C MET G 25 -16.07 25.29 -30.71
N TYR G 26 -15.81 25.65 -29.45
CA TYR G 26 -16.26 26.92 -28.93
C TYR G 26 -15.58 28.08 -29.63
N ALA G 27 -14.26 27.99 -29.75
CA ALA G 27 -13.49 29.09 -30.29
C ALA G 27 -14.04 29.53 -31.64
N MET G 28 -14.36 28.58 -32.53
CA MET G 28 -14.80 28.90 -33.88
C MET G 28 -16.10 29.72 -33.88
N SER G 29 -16.91 29.58 -32.83
CA SER G 29 -18.24 30.20 -32.79
C SER G 29 -18.30 31.39 -31.83
N ARG G 30 -18.65 32.59 -32.32
CA ARG G 30 -18.95 33.71 -31.43
C ARG G 30 -20.29 33.45 -30.77
N LEU G 31 -20.64 34.23 -29.72
CA LEU G 31 -21.82 33.96 -28.91
C LEU G 31 -22.95 34.94 -29.24
N ASP G 32 -24.19 34.44 -29.27
CA ASP G 32 -25.36 35.30 -29.49
C ASP G 32 -25.97 35.61 -28.14
N ALA G 33 -25.86 36.88 -27.71
CA ALA G 33 -26.16 37.26 -26.34
C ALA G 33 -27.55 36.77 -25.92
N SER G 34 -28.52 36.76 -26.85
CA SER G 34 -29.87 36.34 -26.49
C SER G 34 -29.84 34.97 -25.81
N LYS G 35 -29.10 34.02 -26.39
CA LYS G 35 -28.90 32.72 -25.78
C LYS G 35 -28.21 32.90 -24.43
N TYR G 36 -27.23 33.83 -24.39
CA TYR G 36 -26.48 34.11 -23.19
C TYR G 36 -27.39 34.62 -22.07
N GLU G 37 -28.37 35.45 -22.43
CA GLU G 37 -29.27 36.04 -21.46
C GLU G 37 -30.15 34.96 -20.84
N GLU G 38 -30.77 34.13 -21.69
CA GLU G 38 -31.72 33.14 -21.20
C GLU G 38 -31.03 32.21 -20.21
N VAL G 39 -29.81 31.77 -20.53
CA VAL G 39 -29.06 30.88 -19.65
C VAL G 39 -28.76 31.58 -18.32
N THR G 40 -28.34 32.86 -18.37
CA THR G 40 -27.97 33.57 -17.16
C THR G 40 -29.15 33.60 -16.19
N SER G 41 -30.37 33.72 -16.73
CA SER G 41 -31.58 33.66 -15.92
C SER G 41 -32.05 32.21 -15.73
N SER G 42 -31.62 31.30 -16.60
CA SER G 42 -31.93 29.89 -16.43
C SER G 42 -31.14 29.34 -15.26
N LEU G 43 -29.90 29.80 -15.07
CA LEU G 43 -29.06 29.40 -13.94
C LEU G 43 -29.34 30.22 -12.68
N GLN G 44 -29.71 31.51 -12.85
CA GLN G 44 -29.93 32.41 -11.73
C GLN G 44 -30.95 31.83 -10.76
N THR G 45 -32.07 31.31 -11.29
CA THR G 45 -33.12 30.73 -10.47
C THR G 45 -32.64 29.46 -9.79
N THR G 46 -31.74 28.70 -10.45
CA THR G 46 -31.32 27.39 -9.97
C THR G 46 -30.37 27.49 -8.78
N PHE G 47 -29.33 28.34 -8.88
CA PHE G 47 -28.41 28.54 -7.78
C PHE G 47 -28.96 29.60 -6.83
N GLN G 48 -30.01 30.31 -7.25
CA GLN G 48 -30.66 31.31 -6.40
C GLN G 48 -29.65 32.37 -5.95
N SER G 49 -28.73 32.74 -6.85
CA SER G 49 -27.71 33.75 -6.61
C SER G 49 -27.11 33.62 -5.20
#